data_4WYE
#
_entry.id   4WYE
#
_cell.length_a   62.692
_cell.length_b   66.249
_cell.length_c   202.334
_cell.angle_alpha   90.000
_cell.angle_beta   90.000
_cell.angle_gamma   90.000
#
_symmetry.space_group_name_H-M   'P 21 21 21'
#
loop_
_entity.id
_entity.type
_entity.pdbx_description
1 polymer 'Adenosylmethionine-8-amino-7-oxononanoate aminotransferase'
2 non-polymer "PYRIDOXAL-5'-PHOSPHATE"
3 non-polymer phenyl(piperidin-4-yl)methanone
4 non-polymer '4-(2-HYDROXYETHYL)-1-PIPERAZINE ETHANESULFONIC ACID'
5 non-polymer 'SULFATE ION'
6 non-polymer ACETONE
7 water water
#
_entity_poly.entity_id   1
_entity_poly.type   'polypeptide(L)'
_entity_poly.pdbx_seq_one_letter_code
;MGSSHHHHHHSSGLVPRGSHMAAATGGLTPEQIIAVDGAHLWHPYSSIGREAVSPVVAVAAHGAWLTLIRDGQPIEVLDA
MSSWWTAIHGHGHPALDQALTTQLRVMNHVMFGGLTHEPAARLAKLLVDITPAGLDTVFFSDSGSVSVEVAAKMALQYWR
GRGLPGKRRLMTWRGGYHGDTFLAMSICDPHGGMHSLWTDVLAAQVFAPQVPRDYDPAYSAAFEAQLAQHAGELAAVVVE
PVVQGAGGMRFHDPRYLHDLRDICRRYEVLLIFDEIATGFGRTGALFAADHAGVSPDIMCVGKALTGGYLSLAATLCTAD
VAHTISAGAAGALMHGPTFMANPLACAVSVASVELLLGQDWRTRITELAAGLTAGLDTARALPAVTDVRVCGAIGVIECD
RPVDLAVATPAALDRGVWLRPFRNLVYAMPPYICTPAEITQITSAMVEVARLVGSLP
;
_entity_poly.pdbx_strand_id   A,B
#
loop_
_chem_comp.id
_chem_comp.type
_chem_comp.name
_chem_comp.formula
3VW non-polymer phenyl(piperidin-4-yl)methanone 'C12 H15 N O'
ACN non-polymer ACETONE 'C3 H6 O'
EPE non-polymer '4-(2-HYDROXYETHYL)-1-PIPERAZINE ETHANESULFONIC ACID' 'C8 H18 N2 O4 S'
PLP non-polymer PYRIDOXAL-5'-PHOSPHATE 'C8 H10 N O6 P'
SO4 non-polymer 'SULFATE ION' 'O4 S -2'
#
# COMPACT_ATOMS: atom_id res chain seq x y z
N LEU A 28 24.19 -6.49 -12.70
CA LEU A 28 23.47 -7.39 -13.60
C LEU A 28 23.35 -6.84 -15.03
N THR A 29 23.65 -7.70 -15.99
CA THR A 29 23.44 -7.38 -17.39
C THR A 29 21.97 -7.61 -17.72
N PRO A 30 21.51 -7.10 -18.89
CA PRO A 30 20.11 -7.38 -19.26
C PRO A 30 19.79 -8.87 -19.31
N GLU A 31 20.71 -9.69 -19.82
CA GLU A 31 20.44 -11.13 -19.88
C GLU A 31 20.38 -11.73 -18.48
N GLN A 32 21.20 -11.21 -17.56
CA GLN A 32 21.18 -11.70 -16.19
C GLN A 32 19.87 -11.30 -15.50
N ILE A 33 19.42 -10.07 -15.75
CA ILE A 33 18.14 -9.60 -15.23
C ILE A 33 16.98 -10.49 -15.69
N ILE A 34 16.94 -10.79 -16.99
CA ILE A 34 15.94 -11.69 -17.53
C ILE A 34 15.97 -13.05 -16.82
N ALA A 35 17.15 -13.59 -16.56
CA ALA A 35 17.27 -14.89 -15.90
C ALA A 35 16.75 -14.86 -14.46
N VAL A 36 17.13 -13.84 -13.70
CA VAL A 36 16.65 -13.67 -12.34
C VAL A 36 15.14 -13.46 -12.33
N ASP A 37 14.65 -12.64 -13.25
CA ASP A 37 13.23 -12.31 -13.35
C ASP A 37 12.38 -13.55 -13.63
N GLY A 38 12.81 -14.37 -14.58
CA GLY A 38 12.09 -15.58 -14.91
C GLY A 38 12.03 -16.54 -13.73
N ALA A 39 13.09 -16.59 -12.95
CA ALA A 39 13.17 -17.54 -11.85
C ALA A 39 12.46 -17.06 -10.58
N HIS A 40 12.50 -15.75 -10.31
CA HIS A 40 12.13 -15.27 -8.98
C HIS A 40 11.06 -14.19 -8.88
N LEU A 41 10.67 -13.57 -10.00
CA LEU A 41 9.79 -12.40 -9.91
C LEU A 41 8.39 -12.65 -10.42
N TRP A 42 7.40 -12.43 -9.54
CA TRP A 42 6.02 -12.42 -9.99
CA TRP A 42 6.00 -12.38 -9.93
C TRP A 42 5.74 -11.07 -10.66
N HIS A 43 5.03 -11.10 -11.77
CA HIS A 43 4.63 -9.88 -12.43
C HIS A 43 3.10 -9.71 -12.28
N PRO A 44 2.58 -8.49 -12.54
CA PRO A 44 1.14 -8.23 -12.38
C PRO A 44 0.25 -9.21 -13.12
N TYR A 45 -0.75 -9.73 -12.43
CA TYR A 45 -1.82 -10.52 -13.04
C TYR A 45 -1.27 -11.64 -13.91
N SER A 46 -0.21 -12.26 -13.43
CA SER A 46 0.51 -13.24 -14.22
CA SER A 46 0.49 -13.24 -14.22
CA SER A 46 0.54 -13.22 -14.22
C SER A 46 0.75 -14.55 -13.49
N SER A 47 1.38 -15.46 -14.21
N SER A 47 1.41 -15.47 -14.18
CA SER A 47 1.82 -16.72 -13.66
CA SER A 47 1.74 -16.78 -13.61
C SER A 47 3.32 -16.69 -13.43
C SER A 47 3.20 -17.15 -13.83
N ILE A 48 3.81 -17.76 -12.82
CA ILE A 48 5.23 -18.04 -12.83
C ILE A 48 5.49 -19.09 -13.89
N GLY A 49 6.33 -18.73 -14.86
CA GLY A 49 6.81 -19.67 -15.86
C GLY A 49 5.85 -20.05 -16.98
N ARG A 50 4.76 -19.31 -17.14
CA ARG A 50 3.76 -19.65 -18.14
C ARG A 50 3.29 -18.44 -18.97
N GLU A 51 4.06 -17.36 -18.96
CA GLU A 51 3.70 -16.23 -19.81
C GLU A 51 4.25 -16.38 -21.22
N ALA A 52 3.35 -16.22 -22.19
CA ALA A 52 3.73 -16.31 -23.60
C ALA A 52 4.76 -15.24 -23.96
N VAL A 53 4.60 -14.03 -23.44
CA VAL A 53 5.53 -12.97 -23.79
C VAL A 53 6.27 -12.46 -22.54
N SER A 54 7.60 -12.57 -22.58
CA SER A 54 8.53 -12.25 -21.48
C SER A 54 8.65 -10.76 -21.27
N PRO A 55 8.99 -10.31 -20.05
CA PRO A 55 9.14 -8.87 -19.83
C PRO A 55 10.35 -8.33 -20.56
N VAL A 56 10.27 -7.06 -20.96
CA VAL A 56 11.38 -6.36 -21.60
C VAL A 56 12.19 -5.62 -20.53
N VAL A 57 13.51 -5.65 -20.63
CA VAL A 57 14.34 -4.95 -19.64
C VAL A 57 14.36 -3.45 -19.90
N ALA A 58 13.96 -2.68 -18.89
CA ALA A 58 14.06 -1.23 -18.94
C ALA A 58 15.32 -0.79 -18.20
N VAL A 59 16.13 0.08 -18.81
CA VAL A 59 17.39 0.45 -18.18
C VAL A 59 17.52 1.94 -17.86
N ALA A 60 16.64 2.77 -18.42
CA ALA A 60 16.61 4.20 -18.11
C ALA A 60 15.26 4.81 -18.45
N ALA A 61 14.98 5.96 -17.86
CA ALA A 61 13.78 6.73 -18.21
C ALA A 61 14.09 8.21 -18.07
N HIS A 62 13.80 8.98 -19.12
CA HIS A 62 14.08 10.40 -19.10
C HIS A 62 13.03 11.14 -19.91
N GLY A 63 12.35 12.09 -19.28
CA GLY A 63 11.25 12.78 -19.91
C GLY A 63 10.16 11.81 -20.34
N ALA A 64 9.76 11.88 -21.61
CA ALA A 64 8.68 11.01 -22.08
C ALA A 64 9.20 9.69 -22.63
N TRP A 65 10.49 9.44 -22.45
CA TRP A 65 11.14 8.30 -23.08
C TRP A 65 11.68 7.25 -22.14
N LEU A 66 11.51 5.98 -22.52
CA LEU A 66 12.15 4.85 -21.86
C LEU A 66 13.28 4.31 -22.70
N THR A 67 14.36 3.89 -22.06
CA THR A 67 15.38 3.09 -22.73
C THR A 67 15.16 1.61 -22.45
N LEU A 68 14.80 0.86 -23.49
CA LEU A 68 14.55 -0.56 -23.33
C LEU A 68 15.59 -1.38 -24.09
N ILE A 69 15.81 -2.61 -23.64
CA ILE A 69 16.75 -3.50 -24.33
C ILE A 69 15.97 -4.38 -25.28
N ARG A 70 16.30 -4.29 -26.57
CA ARG A 70 15.67 -5.17 -27.55
C ARG A 70 16.74 -5.86 -28.39
N ASP A 71 16.73 -7.18 -28.38
CA ASP A 71 17.72 -7.99 -29.09
C ASP A 71 19.14 -7.57 -28.71
N GLY A 72 19.34 -7.35 -27.40
CA GLY A 72 20.64 -7.02 -26.87
C GLY A 72 21.07 -5.58 -27.02
N GLN A 73 20.23 -4.76 -27.65
CA GLN A 73 20.58 -3.36 -27.89
C GLN A 73 19.59 -2.38 -27.25
N PRO A 74 20.10 -1.24 -26.76
CA PRO A 74 19.28 -0.16 -26.19
C PRO A 74 18.45 0.54 -27.25
N ILE A 75 17.14 0.70 -27.00
CA ILE A 75 16.30 1.51 -27.87
C ILE A 75 15.48 2.51 -27.08
N GLU A 76 15.28 3.69 -27.65
CA GLU A 76 14.46 4.73 -27.04
C GLU A 76 13.02 4.59 -27.50
N VAL A 77 12.08 4.50 -26.56
CA VAL A 77 10.66 4.46 -26.93
C VAL A 77 9.84 5.39 -26.04
N LEU A 78 8.76 5.93 -26.59
CA LEU A 78 7.88 6.82 -25.84
C LEU A 78 7.05 6.03 -24.82
N ASP A 79 6.94 6.58 -23.61
CA ASP A 79 6.11 5.99 -22.55
C ASP A 79 4.67 6.44 -22.75
N ALA A 80 3.98 5.83 -23.70
CA ALA A 80 2.63 6.29 -24.04
C ALA A 80 1.66 6.02 -22.91
N MET A 81 2.04 5.12 -22.00
CA MET A 81 1.14 4.75 -20.89
C MET A 81 1.38 5.62 -19.66
N SER A 82 2.35 6.52 -19.73
CA SER A 82 2.84 7.24 -18.56
C SER A 82 3.08 6.27 -17.40
N SER A 83 3.56 5.06 -17.72
CA SER A 83 3.84 4.04 -16.70
C SER A 83 2.60 3.86 -15.81
N TRP A 84 1.51 3.53 -16.48
CA TRP A 84 0.20 3.31 -15.87
C TRP A 84 -0.30 4.56 -15.13
N TRP A 85 -0.39 5.68 -15.87
CA TRP A 85 -1.02 6.93 -15.43
C TRP A 85 -0.16 7.79 -14.53
N THR A 86 1.01 7.32 -14.15
CA THR A 86 1.75 7.97 -13.08
C THR A 86 2.62 9.14 -13.54
N ALA A 87 3.28 8.97 -14.68
CA ALA A 87 4.33 9.90 -15.09
C ALA A 87 3.80 11.15 -15.81
N ILE A 88 2.94 11.91 -15.14
CA ILE A 88 2.28 13.02 -15.82
C ILE A 88 3.24 14.12 -16.27
N HIS A 89 4.36 14.28 -15.56
CA HIS A 89 5.39 15.26 -15.94
C HIS A 89 6.59 14.61 -16.62
N GLY A 90 6.45 13.35 -16.99
CA GLY A 90 7.57 12.62 -17.54
C GLY A 90 8.54 12.17 -16.47
N HIS A 91 9.50 11.34 -16.85
CA HIS A 91 10.45 10.80 -15.89
C HIS A 91 11.61 11.78 -15.68
N GLY A 92 12.15 11.82 -14.47
CA GLY A 92 13.36 12.60 -14.23
C GLY A 92 13.20 14.09 -14.52
N HIS A 93 12.02 14.62 -14.18
CA HIS A 93 11.80 16.05 -14.27
C HIS A 93 12.67 16.77 -13.22
N PRO A 94 13.41 17.80 -13.63
CA PRO A 94 14.35 18.47 -12.70
C PRO A 94 13.69 19.00 -11.42
N ALA A 95 12.46 19.48 -11.49
CA ALA A 95 11.81 20.06 -10.31
C ALA A 95 11.46 18.97 -9.31
N LEU A 96 11.10 17.80 -9.83
CA LEU A 96 10.68 16.70 -8.96
C LEU A 96 11.91 15.99 -8.40
N ASP A 97 12.90 15.76 -9.24
CA ASP A 97 14.18 15.19 -8.81
C ASP A 97 14.73 16.00 -7.65
N GLN A 98 14.75 17.32 -7.80
CA GLN A 98 15.35 18.17 -6.78
C GLN A 98 14.51 18.23 -5.50
N ALA A 99 13.19 18.20 -5.65
CA ALA A 99 12.34 18.16 -4.47
C ALA A 99 12.64 16.91 -3.64
N LEU A 100 12.85 15.78 -4.31
CA LEU A 100 13.19 14.55 -3.63
C LEU A 100 14.57 14.64 -2.95
N THR A 101 15.58 15.09 -3.70
CA THR A 101 16.93 15.17 -3.11
C THR A 101 16.99 16.22 -2.00
N THR A 102 16.22 17.29 -2.15
CA THR A 102 16.17 18.31 -1.10
C THR A 102 15.58 17.73 0.20
N GLN A 103 14.46 17.01 0.09
CA GLN A 103 13.87 16.40 1.29
C GLN A 103 14.79 15.31 1.87
N LEU A 104 15.47 14.55 1.01
CA LEU A 104 16.37 13.47 1.43
C LEU A 104 17.50 13.97 2.33
N ARG A 105 17.94 15.19 2.06
CA ARG A 105 19.01 15.84 2.81
C ARG A 105 18.57 16.17 4.26
N VAL A 106 17.27 16.39 4.45
CA VAL A 106 16.71 16.86 5.71
CA VAL A 106 16.82 16.83 5.76
C VAL A 106 16.09 15.76 6.58
N MET A 107 15.23 14.95 5.96
CA MET A 107 14.46 13.94 6.71
C MET A 107 13.80 12.96 5.76
N ASN A 108 14.31 11.73 5.74
CA ASN A 108 13.77 10.71 4.85
C ASN A 108 12.36 10.29 5.25
N HIS A 109 12.14 10.12 6.55
CA HIS A 109 10.88 9.59 7.08
C HIS A 109 10.88 9.68 8.59
N VAL A 110 9.72 9.96 9.16
CA VAL A 110 9.49 9.76 10.60
C VAL A 110 8.10 9.16 10.74
N MET A 111 7.86 8.46 11.84
CA MET A 111 6.53 7.93 12.11
C MET A 111 5.50 9.05 12.34
N PHE A 112 4.30 8.85 11.80
CA PHE A 112 3.24 9.85 11.87
C PHE A 112 2.41 9.69 13.13
N GLY A 113 2.75 8.70 13.95
CA GLY A 113 2.10 8.55 15.24
C GLY A 113 2.66 9.50 16.29
N GLY A 114 2.01 10.64 16.49
CA GLY A 114 2.43 11.58 17.50
C GLY A 114 3.34 12.68 16.97
N LEU A 115 3.77 12.53 15.72
CA LEU A 115 4.61 13.51 15.04
C LEU A 115 3.92 14.01 13.77
N THR A 116 4.20 15.24 13.37
CA THR A 116 3.76 15.72 12.07
C THR A 116 4.95 16.44 11.41
N HIS A 117 4.81 16.85 10.17
CA HIS A 117 5.92 17.47 9.47
C HIS A 117 5.49 18.34 8.31
N GLU A 118 6.43 19.12 7.79
CA GLU A 118 6.11 20.11 6.78
C GLU A 118 5.63 19.52 5.44
N PRO A 119 6.28 18.45 4.93
CA PRO A 119 5.74 17.92 3.67
C PRO A 119 4.27 17.48 3.78
N ALA A 120 3.89 16.91 4.92
CA ALA A 120 2.52 16.43 5.07
C ALA A 120 1.54 17.60 5.11
N ALA A 121 1.90 18.65 5.84
CA ALA A 121 1.04 19.82 5.98
C ALA A 121 0.92 20.58 4.66
N ARG A 122 2.03 20.76 3.97
CA ARG A 122 2.02 21.46 2.68
C ARG A 122 1.17 20.70 1.67
N LEU A 123 1.32 19.38 1.65
CA LEU A 123 0.54 18.59 0.71
C LEU A 123 -0.94 18.59 1.07
N ALA A 124 -1.27 18.47 2.36
CA ALA A 124 -2.67 18.45 2.77
C ALA A 124 -3.34 19.77 2.43
N LYS A 125 -2.64 20.88 2.66
CA LYS A 125 -3.15 22.20 2.34
C LYS A 125 -3.45 22.30 0.84
N LEU A 126 -2.50 21.87 0.02
CA LEU A 126 -2.66 21.90 -1.42
C LEU A 126 -3.86 21.06 -1.87
N LEU A 127 -3.97 19.85 -1.32
CA LEU A 127 -5.02 18.94 -1.75
C LEU A 127 -6.39 19.45 -1.32
N VAL A 128 -6.51 19.95 -0.09
CA VAL A 128 -7.78 20.50 0.34
C VAL A 128 -8.21 21.68 -0.54
N ASP A 129 -7.24 22.45 -1.01
CA ASP A 129 -7.57 23.65 -1.80
C ASP A 129 -8.01 23.33 -3.22
N ILE A 130 -7.45 22.30 -3.85
CA ILE A 130 -7.70 22.08 -5.27
C ILE A 130 -8.74 20.99 -5.58
N THR A 131 -9.12 20.22 -4.58
CA THR A 131 -10.14 19.19 -4.77
C THR A 131 -11.54 19.82 -4.70
N PRO A 132 -12.59 19.08 -5.13
CA PRO A 132 -13.96 19.59 -5.02
C PRO A 132 -14.27 20.16 -3.65
N ALA A 133 -15.10 21.21 -3.65
CA ALA A 133 -15.37 21.97 -2.43
C ALA A 133 -15.88 21.10 -1.30
N GLY A 134 -15.41 21.36 -0.08
CA GLY A 134 -15.93 20.64 1.08
C GLY A 134 -15.06 19.50 1.57
N LEU A 135 -14.13 19.06 0.72
CA LEU A 135 -13.20 18.01 1.14
C LEU A 135 -12.07 18.64 1.95
N ASP A 136 -12.18 18.53 3.26
CA ASP A 136 -11.38 19.33 4.18
C ASP A 136 -10.40 18.55 5.03
N THR A 137 -10.43 17.22 4.94
CA THR A 137 -9.51 16.42 5.75
C THR A 137 -8.84 15.36 4.86
N VAL A 138 -7.61 15.01 5.22
CA VAL A 138 -6.76 14.18 4.35
C VAL A 138 -6.13 13.04 5.14
N PHE A 139 -6.38 11.81 4.67
CA PHE A 139 -5.76 10.62 5.25
C PHE A 139 -4.78 10.03 4.23
N PHE A 140 -3.49 10.11 4.53
CA PHE A 140 -2.48 9.59 3.61
C PHE A 140 -2.28 8.09 3.80
N SER A 141 -2.14 7.38 2.67
CA SER A 141 -1.76 5.97 2.70
C SER A 141 -0.74 5.65 1.58
N ASP A 142 -0.47 4.38 1.39
CA ASP A 142 0.65 4.04 0.50
CA ASP A 142 0.63 3.89 0.55
C ASP A 142 0.23 3.57 -0.89
N SER A 143 -1.04 3.29 -1.08
CA SER A 143 -1.50 2.84 -2.39
C SER A 143 -2.99 3.09 -2.61
N GLY A 144 -3.41 3.08 -3.87
CA GLY A 144 -4.79 3.34 -4.21
C GLY A 144 -5.73 2.34 -3.57
N SER A 145 -5.35 1.05 -3.61
CA SER A 145 -6.22 0.02 -3.04
C SER A 145 -6.45 0.28 -1.55
N VAL A 146 -5.38 0.63 -0.82
CA VAL A 146 -5.54 0.96 0.59
C VAL A 146 -6.42 2.22 0.76
N SER A 147 -6.25 3.23 -0.10
CA SER A 147 -7.06 4.44 0.03
CA SER A 147 -7.05 4.45 -0.01
C SER A 147 -8.55 4.15 -0.17
N VAL A 148 -8.87 3.19 -1.03
CA VAL A 148 -10.26 2.76 -1.20
C VAL A 148 -10.78 2.05 0.07
N GLU A 149 -9.96 1.20 0.67
CA GLU A 149 -10.36 0.55 1.93
C GLU A 149 -10.57 1.59 3.06
N VAL A 150 -9.70 2.58 3.12
CA VAL A 150 -9.88 3.69 4.03
C VAL A 150 -11.19 4.46 3.77
N ALA A 151 -11.53 4.68 2.50
CA ALA A 151 -12.76 5.36 2.16
C ALA A 151 -13.95 4.56 2.63
N ALA A 152 -13.90 3.24 2.44
CA ALA A 152 -15.00 2.40 2.90
C ALA A 152 -15.09 2.44 4.41
N LYS A 153 -13.94 2.37 5.07
CA LYS A 153 -13.91 2.42 6.52
C LYS A 153 -14.49 3.74 7.05
N MET A 154 -14.17 4.84 6.39
CA MET A 154 -14.75 6.15 6.74
C MET A 154 -16.26 6.10 6.66
N ALA A 155 -16.77 5.61 5.53
CA ALA A 155 -18.22 5.55 5.33
C ALA A 155 -18.89 4.67 6.38
N LEU A 156 -18.34 3.49 6.65
CA LEU A 156 -18.95 2.60 7.63
CA LEU A 156 -18.90 2.58 7.65
C LEU A 156 -18.89 3.17 9.05
N GLN A 157 -17.75 3.76 9.41
CA GLN A 157 -17.64 4.36 10.73
C GLN A 157 -18.52 5.58 10.85
N TYR A 158 -18.74 6.28 9.74
CA TYR A 158 -19.63 7.45 9.75
C TYR A 158 -21.01 7.04 10.23
N TRP A 159 -21.56 6.00 9.61
CA TRP A 159 -22.93 5.60 9.93
C TRP A 159 -23.02 4.97 11.32
N ARG A 160 -21.95 4.31 11.77
CA ARG A 160 -21.95 3.77 13.12
C ARG A 160 -21.96 4.93 14.12
N GLY A 161 -21.28 6.02 13.76
CA GLY A 161 -21.28 7.24 14.53
C GLY A 161 -22.64 7.92 14.57
N ARG A 162 -23.46 7.68 13.55
CA ARG A 162 -24.84 8.19 13.48
C ARG A 162 -25.82 7.27 14.21
N GLY A 163 -25.34 6.10 14.65
CA GLY A 163 -26.20 5.12 15.30
C GLY A 163 -26.99 4.30 14.31
N LEU A 164 -26.48 4.19 13.09
CA LEU A 164 -27.11 3.38 12.05
C LEU A 164 -26.16 2.32 11.48
N PRO A 165 -25.74 1.35 12.30
CA PRO A 165 -24.72 0.38 11.87
C PRO A 165 -25.23 -0.57 10.77
N GLY A 166 -26.53 -0.56 10.51
CA GLY A 166 -27.07 -1.37 9.43
C GLY A 166 -26.67 -0.86 8.05
N LYS A 167 -26.23 0.39 7.99
CA LYS A 167 -25.76 0.99 6.73
C LYS A 167 -24.32 0.54 6.50
N ARG A 168 -24.20 -0.59 5.83
CA ARG A 168 -23.05 -1.48 5.87
C ARG A 168 -22.54 -1.79 4.46
N ARG A 169 -23.42 -1.66 3.48
CA ARG A 169 -23.15 -2.13 2.13
C ARG A 169 -22.73 -1.00 1.22
N LEU A 170 -22.10 -1.35 0.11
CA LEU A 170 -21.73 -0.37 -0.90
C LEU A 170 -22.55 -0.60 -2.15
N MET A 171 -22.82 0.47 -2.87
CA MET A 171 -23.46 0.35 -4.18
C MET A 171 -22.57 0.99 -5.25
N THR A 172 -22.53 0.36 -6.42
CA THR A 172 -21.83 0.93 -7.55
C THR A 172 -22.55 0.53 -8.84
N TRP A 173 -22.05 1.01 -9.97
CA TRP A 173 -22.50 0.52 -11.27
C TRP A 173 -21.48 -0.47 -11.85
N ARG A 174 -21.92 -1.28 -12.81
CA ARG A 174 -21.04 -2.28 -13.42
C ARG A 174 -19.95 -1.59 -14.23
N GLY A 175 -18.92 -2.36 -14.59
CA GLY A 175 -17.83 -1.84 -15.41
C GLY A 175 -16.71 -1.22 -14.61
N GLY A 176 -16.80 -1.31 -13.28
CA GLY A 176 -15.88 -0.60 -12.41
C GLY A 176 -14.64 -1.35 -11.95
N TYR A 177 -13.69 -0.58 -11.43
CA TYR A 177 -12.46 -1.13 -10.87
C TYR A 177 -11.95 -0.22 -9.78
N HIS A 178 -11.60 -0.81 -8.65
CA HIS A 178 -11.20 -0.02 -7.49
C HIS A 178 -9.99 -0.60 -6.73
N GLY A 179 -9.25 -1.50 -7.37
CA GLY A 179 -8.07 -2.06 -6.72
C GLY A 179 -8.15 -3.55 -6.41
N ASP A 180 -7.13 -4.08 -5.72
CA ASP A 180 -6.95 -5.53 -5.63
C ASP A 180 -7.01 -6.10 -4.21
N THR A 181 -7.15 -5.25 -3.20
CA THR A 181 -7.36 -5.77 -1.85
C THR A 181 -8.81 -6.28 -1.74
N PHE A 182 -9.13 -7.08 -0.73
CA PHE A 182 -10.39 -7.81 -0.78
C PHE A 182 -11.67 -6.95 -0.70
N LEU A 183 -11.68 -5.85 0.05
CA LEU A 183 -12.85 -4.96 0.04
CA LEU A 183 -12.88 -5.03 0.01
C LEU A 183 -12.94 -4.24 -1.30
N ALA A 184 -11.79 -3.80 -1.81
CA ALA A 184 -11.78 -3.12 -3.10
C ALA A 184 -12.32 -4.03 -4.19
N MET A 185 -11.97 -5.31 -4.11
CA MET A 185 -12.40 -6.29 -5.11
CA MET A 185 -12.40 -6.28 -5.12
C MET A 185 -13.92 -6.43 -5.12
N SER A 186 -14.55 -6.22 -3.96
CA SER A 186 -15.99 -6.41 -3.84
C SER A 186 -16.81 -5.41 -4.69
N ILE A 187 -16.22 -4.31 -5.14
CA ILE A 187 -16.96 -3.39 -6.02
C ILE A 187 -16.42 -3.37 -7.44
N CYS A 188 -15.49 -4.28 -7.73
CA CYS A 188 -15.08 -4.57 -9.10
C CYS A 188 -16.25 -5.20 -9.83
N ASP A 189 -16.35 -4.95 -11.13
CA ASP A 189 -17.40 -5.58 -11.95
C ASP A 189 -17.44 -7.09 -11.73
N PRO A 190 -18.57 -7.63 -11.27
CA PRO A 190 -18.64 -9.02 -10.85
C PRO A 190 -18.71 -10.03 -12.01
N HIS A 191 -19.19 -9.59 -13.17
CA HIS A 191 -19.32 -10.47 -14.34
C HIS A 191 -18.53 -9.91 -15.51
N GLY A 192 -17.21 -10.00 -15.46
CA GLY A 192 -16.40 -9.44 -16.51
C GLY A 192 -15.21 -8.66 -15.95
N GLY A 193 -15.27 -8.36 -14.66
CA GLY A 193 -14.16 -7.70 -14.01
C GLY A 193 -13.06 -8.71 -13.74
N MET A 194 -11.86 -8.21 -13.47
CA MET A 194 -10.72 -9.09 -13.32
C MET A 194 -10.80 -9.93 -12.05
N HIS A 195 -11.67 -9.54 -11.13
CA HIS A 195 -11.79 -10.27 -9.86
C HIS A 195 -13.04 -11.14 -9.83
N SER A 196 -13.59 -11.44 -11.00
CA SER A 196 -14.81 -12.22 -11.12
C SER A 196 -14.78 -13.60 -10.46
N LEU A 197 -13.61 -14.24 -10.38
CA LEU A 197 -13.54 -15.60 -9.86
C LEU A 197 -13.66 -15.61 -8.34
N TRP A 198 -13.62 -14.45 -7.68
N TRP A 198 -13.33 -14.45 -7.78
CA TRP A 198 -13.64 -14.46 -6.21
CA TRP A 198 -13.68 -14.10 -6.42
C TRP A 198 -14.99 -14.14 -5.54
C TRP A 198 -14.98 -13.36 -6.49
N THR A 199 -16.06 -14.07 -6.31
CA THR A 199 -17.30 -13.42 -5.88
C THR A 199 -17.87 -14.15 -4.67
N ASP A 200 -17.66 -15.46 -4.63
CA ASP A 200 -18.17 -16.30 -3.55
C ASP A 200 -17.52 -16.01 -2.19
N VAL A 201 -16.38 -15.33 -2.16
CA VAL A 201 -15.71 -15.06 -0.90
C VAL A 201 -15.68 -13.57 -0.55
N LEU A 202 -16.11 -12.73 -1.50
CA LEU A 202 -16.13 -11.28 -1.29
C LEU A 202 -17.43 -10.84 -0.61
N ALA A 203 -17.39 -9.66 0.00
CA ALA A 203 -18.60 -9.02 0.51
C ALA A 203 -19.58 -8.81 -0.66
N ALA A 204 -20.87 -9.05 -0.41
CA ALA A 204 -21.86 -8.95 -1.49
C ALA A 204 -22.43 -7.54 -1.60
N GLN A 205 -22.05 -6.83 -2.65
CA GLN A 205 -22.44 -5.43 -2.79
C GLN A 205 -23.59 -5.25 -3.78
N VAL A 206 -24.07 -4.02 -3.92
CA VAL A 206 -25.19 -3.74 -4.81
C VAL A 206 -24.71 -3.17 -6.14
N PHE A 207 -25.11 -3.78 -7.25
CA PHE A 207 -24.66 -3.31 -8.56
C PHE A 207 -25.81 -2.82 -9.45
N ALA A 208 -25.69 -1.58 -9.92
CA ALA A 208 -26.56 -1.05 -10.96
C ALA A 208 -25.99 -1.44 -12.32
N PRO A 209 -26.82 -1.43 -13.38
CA PRO A 209 -26.29 -1.80 -14.69
C PRO A 209 -25.16 -0.88 -15.14
N GLN A 210 -24.43 -1.30 -16.17
CA GLN A 210 -23.40 -0.45 -16.79
C GLN A 210 -23.93 0.95 -17.13
N VAL A 211 -23.22 1.97 -16.67
CA VAL A 211 -23.59 3.34 -17.01
C VAL A 211 -23.28 3.60 -18.50
N PRO A 212 -24.29 4.03 -19.25
CA PRO A 212 -24.15 4.29 -20.69
C PRO A 212 -23.23 5.47 -20.98
N ARG A 213 -22.70 5.57 -22.21
CA ARG A 213 -21.91 6.73 -22.60
C ARG A 213 -22.76 8.00 -22.68
N ASP A 214 -23.86 7.94 -23.42
CA ASP A 214 -24.70 9.11 -23.60
C ASP A 214 -25.69 9.26 -22.45
N TYR A 215 -26.07 10.49 -22.16
CA TYR A 215 -26.96 10.71 -21.03
C TYR A 215 -28.38 10.28 -21.35
N ASP A 216 -28.93 9.47 -20.45
CA ASP A 216 -30.29 8.97 -20.55
C ASP A 216 -30.93 9.04 -19.18
N PRO A 217 -31.91 9.94 -19.01
CA PRO A 217 -32.61 10.13 -17.74
C PRO A 217 -33.18 8.83 -17.16
N ALA A 218 -33.53 7.88 -18.02
CA ALA A 218 -34.10 6.61 -17.57
C ALA A 218 -33.08 5.80 -16.76
N TYR A 219 -31.81 5.91 -17.10
CA TYR A 219 -30.78 5.22 -16.35
C TYR A 219 -30.73 5.77 -14.92
N SER A 220 -30.74 7.09 -14.79
CA SER A 220 -30.70 7.74 -13.48
C SER A 220 -31.93 7.37 -12.65
N ALA A 221 -33.09 7.35 -13.29
CA ALA A 221 -34.33 6.97 -12.63
C ALA A 221 -34.26 5.55 -12.07
N ALA A 222 -33.70 4.64 -12.83
CA ALA A 222 -33.59 3.25 -12.40
C ALA A 222 -32.57 3.10 -11.27
N PHE A 223 -31.47 3.85 -11.36
CA PHE A 223 -30.44 3.85 -10.33
C PHE A 223 -31.06 4.26 -9.00
N GLU A 224 -31.84 5.33 -9.04
CA GLU A 224 -32.51 5.85 -7.85
C GLU A 224 -33.49 4.84 -7.29
N ALA A 225 -34.27 4.22 -8.15
CA ALA A 225 -35.25 3.23 -7.72
C ALA A 225 -34.57 2.05 -7.04
N GLN A 226 -33.41 1.65 -7.58
CA GLN A 226 -32.65 0.54 -6.99
C GLN A 226 -32.03 0.96 -5.65
N LEU A 227 -31.40 2.12 -5.62
CA LEU A 227 -30.83 2.63 -4.38
C LEU A 227 -31.91 2.80 -3.31
N ALA A 228 -33.08 3.25 -3.73
CA ALA A 228 -34.19 3.48 -2.80
C ALA A 228 -34.53 2.23 -1.97
N GLN A 229 -34.55 1.06 -2.60
CA GLN A 229 -34.94 -0.13 -1.84
C GLN A 229 -33.79 -0.72 -1.00
N HIS A 230 -32.59 -0.17 -1.13
CA HIS A 230 -31.46 -0.66 -0.34
C HIS A 230 -30.93 0.41 0.63
N ALA A 231 -31.56 1.58 0.62
CA ALA A 231 -31.03 2.77 1.29
C ALA A 231 -30.67 2.54 2.76
N GLY A 232 -31.51 1.80 3.48
CA GLY A 232 -31.29 1.55 4.88
C GLY A 232 -30.14 0.58 5.15
N GLU A 233 -29.64 -0.09 4.11
CA GLU A 233 -28.46 -0.94 4.33
C GLU A 233 -27.23 -0.43 3.56
N LEU A 234 -27.33 0.72 2.91
CA LEU A 234 -26.21 1.26 2.14
C LEU A 234 -25.42 2.34 2.87
N ALA A 235 -24.12 2.13 3.01
CA ALA A 235 -23.27 3.17 3.56
C ALA A 235 -22.92 4.20 2.50
N ALA A 236 -22.70 3.74 1.26
CA ALA A 236 -22.17 4.65 0.25
C ALA A 236 -22.36 4.13 -1.15
N VAL A 237 -22.40 5.07 -2.11
CA VAL A 237 -22.22 4.78 -3.52
C VAL A 237 -20.76 5.06 -3.82
N VAL A 238 -20.08 4.14 -4.49
CA VAL A 238 -18.68 4.31 -4.88
C VAL A 238 -18.54 4.18 -6.39
N VAL A 239 -18.04 5.21 -7.07
CA VAL A 239 -17.87 5.13 -8.51
C VAL A 239 -16.61 5.83 -8.98
N GLU A 240 -16.10 5.41 -10.14
CA GLU A 240 -15.13 6.20 -10.89
C GLU A 240 -15.86 7.27 -11.69
N PRO A 241 -15.55 8.56 -11.47
CA PRO A 241 -16.28 9.60 -12.22
C PRO A 241 -15.77 9.83 -13.64
N VAL A 242 -16.70 9.84 -14.60
CA VAL A 242 -16.49 10.16 -16.01
C VAL A 242 -15.75 9.08 -16.81
N VAL A 243 -14.64 8.60 -16.26
CA VAL A 243 -13.85 7.57 -16.91
C VAL A 243 -13.68 6.33 -16.03
N GLN A 244 -14.14 5.19 -16.55
CA GLN A 244 -13.92 3.90 -15.91
C GLN A 244 -12.68 3.32 -16.54
N GLY A 245 -11.62 3.10 -15.76
CA GLY A 245 -10.37 2.62 -16.33
C GLY A 245 -10.22 1.13 -16.60
N ALA A 246 -9.79 0.39 -15.58
CA ALA A 246 -9.39 -1.00 -15.79
C ALA A 246 -10.54 -1.92 -16.12
N GLY A 247 -11.77 -1.43 -15.97
CA GLY A 247 -12.95 -2.18 -16.33
C GLY A 247 -13.34 -2.08 -17.79
N GLY A 248 -12.58 -1.30 -18.57
CA GLY A 248 -12.89 -1.17 -20.00
C GLY A 248 -12.70 0.19 -20.66
N MET A 249 -12.06 1.13 -19.98
CA MET A 249 -11.78 2.46 -20.53
C MET A 249 -13.04 3.08 -21.16
N ARG A 250 -14.16 3.00 -20.44
CA ARG A 250 -15.43 3.55 -20.87
C ARG A 250 -15.62 4.96 -20.34
N PHE A 251 -16.24 5.84 -21.15
CA PHE A 251 -16.53 7.20 -20.71
C PHE A 251 -18.03 7.35 -20.51
N HIS A 252 -18.45 8.16 -19.54
CA HIS A 252 -19.87 8.46 -19.45
C HIS A 252 -20.09 9.95 -19.24
N ASP A 253 -21.29 10.41 -19.61
CA ASP A 253 -21.66 11.82 -19.50
C ASP A 253 -21.58 12.32 -18.05
N PRO A 254 -20.90 13.46 -17.83
CA PRO A 254 -20.75 14.00 -16.48
C PRO A 254 -22.09 14.23 -15.77
N ARG A 255 -23.17 14.43 -16.54
CA ARG A 255 -24.47 14.68 -15.94
C ARG A 255 -24.95 13.56 -15.03
N TYR A 256 -24.48 12.32 -15.27
CA TYR A 256 -24.78 11.23 -14.35
C TYR A 256 -24.23 11.46 -12.94
N LEU A 257 -23.13 12.19 -12.84
CA LEU A 257 -22.53 12.46 -11.52
C LEU A 257 -23.39 13.43 -10.74
N HIS A 258 -23.99 14.37 -11.47
CA HIS A 258 -24.96 15.29 -10.89
C HIS A 258 -26.15 14.54 -10.33
N ASP A 259 -26.67 13.61 -11.11
CA ASP A 259 -27.79 12.78 -10.65
C ASP A 259 -27.39 11.95 -9.42
N LEU A 260 -26.21 11.32 -9.46
CA LEU A 260 -25.73 10.58 -8.30
C LEU A 260 -25.66 11.44 -7.03
N ARG A 261 -25.16 12.67 -7.15
CA ARG A 261 -25.04 13.56 -6.00
C ARG A 261 -26.45 13.88 -5.44
N ASP A 262 -27.37 14.18 -6.34
CA ASP A 262 -28.75 14.48 -5.95
C ASP A 262 -29.41 13.28 -5.24
N ILE A 263 -29.30 12.10 -5.86
CA ILE A 263 -29.85 10.87 -5.30
C ILE A 263 -29.27 10.55 -3.92
N CYS A 264 -27.94 10.61 -3.81
CA CYS A 264 -27.27 10.33 -2.54
C CYS A 264 -27.68 11.32 -1.45
N ARG A 265 -27.80 12.59 -1.83
CA ARG A 265 -28.23 13.62 -0.89
C ARG A 265 -29.63 13.32 -0.34
N ARG A 266 -30.53 12.90 -1.22
CA ARG A 266 -31.93 12.75 -0.83
C ARG A 266 -32.17 11.48 -0.03
N TYR A 267 -31.41 10.43 -0.30
CA TYR A 267 -31.62 9.16 0.41
C TYR A 267 -30.64 8.92 1.54
N GLU A 268 -29.83 9.95 1.83
CA GLU A 268 -28.85 9.90 2.89
C GLU A 268 -27.93 8.69 2.71
N VAL A 269 -27.25 8.67 1.56
CA VAL A 269 -26.23 7.68 1.28
C VAL A 269 -24.98 8.49 0.92
N LEU A 270 -23.82 8.15 1.48
CA LEU A 270 -22.62 8.93 1.17
C LEU A 270 -22.20 8.70 -0.28
N LEU A 271 -21.55 9.68 -0.89
CA LEU A 271 -21.05 9.51 -2.26
C LEU A 271 -19.53 9.51 -2.26
N ILE A 272 -18.95 8.42 -2.78
CA ILE A 272 -17.50 8.27 -2.84
C ILE A 272 -17.04 8.25 -4.29
N PHE A 273 -16.11 9.15 -4.63
CA PHE A 273 -15.50 9.17 -5.96
C PHE A 273 -14.08 8.59 -5.89
N ASP A 274 -13.84 7.56 -6.67
CA ASP A 274 -12.50 7.02 -6.84
C ASP A 274 -11.81 7.73 -8.00
N GLU A 275 -10.96 8.71 -7.70
CA GLU A 275 -10.25 9.45 -8.74
C GLU A 275 -8.78 9.07 -8.81
N ILE A 276 -8.48 7.84 -8.41
CA ILE A 276 -7.11 7.39 -8.40
C ILE A 276 -6.49 7.40 -9.82
N ALA A 277 -7.30 7.12 -10.85
CA ALA A 277 -6.83 7.22 -12.25
C ALA A 277 -7.13 8.57 -12.88
N THR A 278 -8.24 9.18 -12.50
CA THR A 278 -8.72 10.37 -13.21
C THR A 278 -8.15 11.70 -12.71
N GLY A 279 -7.49 11.69 -11.56
CA GLY A 279 -7.07 12.94 -10.94
C GLY A 279 -5.95 13.72 -11.62
N PHE A 280 -5.77 14.96 -11.18
CA PHE A 280 -4.65 15.81 -11.56
C PHE A 280 -4.54 16.09 -13.06
N GLY A 281 -5.68 16.45 -13.64
CA GLY A 281 -5.71 17.00 -14.99
C GLY A 281 -6.01 16.02 -16.10
N ARG A 282 -5.99 14.72 -15.81
CA ARG A 282 -5.95 13.71 -16.86
C ARG A 282 -7.13 13.78 -17.82
N THR A 283 -8.33 14.04 -17.31
CA THR A 283 -9.54 14.02 -18.14
C THR A 283 -9.89 15.39 -18.72
N GLY A 284 -9.02 16.36 -18.55
CA GLY A 284 -9.29 17.70 -19.05
C GLY A 284 -9.75 18.69 -18.00
N ALA A 285 -10.16 18.18 -16.84
CA ALA A 285 -10.41 19.02 -15.66
C ALA A 285 -9.43 18.59 -14.60
N LEU A 286 -9.24 19.40 -13.56
CA LEU A 286 -8.27 19.07 -12.53
C LEU A 286 -8.62 17.72 -11.89
N PHE A 287 -9.90 17.57 -11.56
CA PHE A 287 -10.46 16.28 -11.16
C PHE A 287 -11.72 16.02 -11.97
N ALA A 288 -12.02 14.75 -12.28
CA ALA A 288 -13.13 14.44 -13.18
C ALA A 288 -14.46 14.94 -12.61
N ALA A 289 -14.55 14.95 -11.29
CA ALA A 289 -15.73 15.48 -10.59
C ALA A 289 -16.04 16.89 -11.09
N ASP A 290 -15.00 17.64 -11.44
CA ASP A 290 -15.16 19.04 -11.86
C ASP A 290 -15.97 19.18 -13.16
N HIS A 291 -15.97 18.15 -14.00
CA HIS A 291 -16.80 18.16 -15.22
C HIS A 291 -18.29 18.29 -14.91
N ALA A 292 -18.70 17.95 -13.69
CA ALA A 292 -20.10 18.00 -13.30
C ALA A 292 -20.32 18.99 -12.18
N GLY A 293 -19.24 19.66 -11.77
CA GLY A 293 -19.29 20.60 -10.67
C GLY A 293 -19.75 19.98 -9.37
N VAL A 294 -19.49 18.68 -9.22
CA VAL A 294 -20.01 17.91 -8.08
C VAL A 294 -18.91 17.66 -7.06
N SER A 295 -19.29 17.70 -5.78
CA SER A 295 -18.42 17.32 -4.67
C SER A 295 -18.93 16.06 -4.02
N PRO A 296 -18.08 15.01 -3.94
CA PRO A 296 -18.48 13.82 -3.18
C PRO A 296 -18.24 14.02 -1.69
N ASP A 297 -18.73 13.10 -0.86
CA ASP A 297 -18.47 13.16 0.57
C ASP A 297 -17.06 12.67 0.88
N ILE A 298 -16.57 11.77 0.05
CA ILE A 298 -15.27 11.13 0.25
C ILE A 298 -14.63 10.99 -1.13
N MET A 299 -13.31 11.17 -1.23
CA MET A 299 -12.61 11.10 -2.50
CA MET A 299 -12.63 11.03 -2.52
C MET A 299 -11.26 10.38 -2.35
N CYS A 300 -10.92 9.51 -3.30
CA CYS A 300 -9.61 8.85 -3.29
C CYS A 300 -8.76 9.36 -4.45
N VAL A 301 -7.48 9.60 -4.18
CA VAL A 301 -6.52 9.96 -5.22
C VAL A 301 -5.26 9.12 -5.07
N GLY A 302 -4.45 8.96 -6.13
N GLY A 302 -4.52 9.03 -6.17
CA GLY A 302 -3.27 8.11 -6.01
CA GLY A 302 -3.24 8.36 -6.15
C GLY A 302 -2.15 8.09 -7.05
C GLY A 302 -2.64 8.53 -7.52
N LYS A 303 -2.39 7.39 -8.16
CA LYS A 303 -1.44 7.23 -9.26
C LYS A 303 -0.57 8.43 -9.65
N ALA A 304 -1.15 9.55 -10.04
CA ALA A 304 -0.34 10.68 -10.51
C ALA A 304 0.04 11.66 -9.39
N LEU A 305 -0.34 11.32 -8.16
CA LEU A 305 -0.12 12.21 -7.01
C LEU A 305 1.35 12.59 -6.82
N THR A 306 2.27 11.64 -6.96
CA THR A 306 3.70 11.91 -6.79
C THR A 306 4.40 12.18 -8.10
N GLY A 307 3.63 12.35 -9.16
CA GLY A 307 4.21 12.48 -10.49
C GLY A 307 4.95 11.22 -10.93
N GLY A 308 4.58 10.08 -10.36
CA GLY A 308 5.14 8.83 -10.81
C GLY A 308 6.49 8.47 -10.23
N TYR A 309 6.89 9.10 -9.13
CA TYR A 309 8.15 8.76 -8.51
C TYR A 309 8.03 7.66 -7.47
N LEU A 310 6.99 7.76 -6.64
CA LEU A 310 6.89 6.94 -5.45
C LEU A 310 5.45 6.59 -5.17
N SER A 311 5.22 5.49 -4.45
CA SER A 311 3.88 5.11 -4.02
CA SER A 311 3.87 5.13 -4.07
CA SER A 311 3.88 5.12 -4.06
C SER A 311 3.33 6.10 -3.02
N LEU A 312 2.13 6.61 -3.27
CA LEU A 312 1.42 7.46 -2.31
C LEU A 312 -0.01 7.58 -2.77
N ALA A 313 -0.92 7.65 -1.81
CA ALA A 313 -2.33 7.84 -2.10
C ALA A 313 -2.92 8.65 -0.97
N ALA A 314 -4.13 9.13 -1.17
CA ALA A 314 -4.81 9.91 -0.15
C ALA A 314 -6.32 9.74 -0.24
N THR A 315 -6.97 9.77 0.91
CA THR A 315 -8.41 9.72 0.99
C THR A 315 -8.86 11.00 1.67
N LEU A 316 -9.70 11.78 1.00
CA LEU A 316 -10.22 13.01 1.60
C LEU A 316 -11.66 12.85 2.00
N CYS A 317 -12.08 13.51 3.08
CA CYS A 317 -13.51 13.53 3.41
C CYS A 317 -13.90 14.90 3.97
N THR A 318 -15.20 15.15 4.01
CA THR A 318 -15.74 16.40 4.53
C THR A 318 -15.53 16.52 6.02
N ALA A 319 -15.60 17.76 6.51
CA ALA A 319 -15.49 17.99 7.94
C ALA A 319 -16.64 17.28 8.66
N ASP A 320 -17.83 17.28 8.06
CA ASP A 320 -18.97 16.58 8.66
C ASP A 320 -18.72 15.08 8.84
N VAL A 321 -18.17 14.42 7.82
CA VAL A 321 -17.83 13.00 7.96
C VAL A 321 -16.77 12.80 9.05
N ALA A 322 -15.74 13.63 9.06
CA ALA A 322 -14.66 13.52 10.04
C ALA A 322 -15.18 13.70 11.46
N HIS A 323 -16.05 14.69 11.65
CA HIS A 323 -16.51 15.03 12.98
C HIS A 323 -17.42 13.95 13.51
N THR A 324 -18.26 13.40 12.63
CA THR A 324 -19.18 12.34 13.03
C THR A 324 -18.41 11.10 13.43
N ILE A 325 -17.37 10.76 12.64
CA ILE A 325 -16.47 9.67 13.03
C ILE A 325 -15.80 9.96 14.38
N SER A 326 -15.28 11.18 14.53
CA SER A 326 -14.53 11.52 15.74
C SER A 326 -15.41 11.64 16.97
N ALA A 327 -16.71 11.88 16.77
N ALA A 327 -16.71 11.88 16.77
CA ALA A 327 -17.63 12.01 17.90
CA ALA A 327 -17.65 12.02 17.88
C ALA A 327 -18.25 10.67 18.27
C ALA A 327 -18.40 10.71 18.14
N GLY A 328 -18.01 9.65 17.44
CA GLY A 328 -18.63 8.35 17.63
C GLY A 328 -18.03 7.50 18.75
N ALA A 329 -18.53 6.27 18.88
CA ALA A 329 -18.12 5.38 19.97
C ALA A 329 -16.62 5.11 19.91
N ALA A 330 -16.12 4.97 18.69
CA ALA A 330 -14.70 4.75 18.46
C ALA A 330 -13.90 6.00 18.78
N GLY A 331 -14.44 7.14 18.38
CA GLY A 331 -13.78 8.42 18.61
C GLY A 331 -12.53 8.58 17.77
N ALA A 332 -12.36 7.67 16.81
CA ALA A 332 -11.17 7.69 15.97
C ALA A 332 -11.36 6.81 14.74
N LEU A 333 -10.72 7.20 13.65
CA LEU A 333 -10.69 6.38 12.44
C LEU A 333 -9.60 5.35 12.60
N MET A 334 -9.98 4.08 12.63
CA MET A 334 -9.08 3.01 13.05
C MET A 334 -8.21 2.47 11.91
N HIS A 335 -7.29 3.31 11.45
CA HIS A 335 -6.39 2.96 10.35
C HIS A 335 -5.11 3.77 10.56
N GLY A 336 -3.96 3.20 10.21
CA GLY A 336 -2.71 3.91 10.45
C GLY A 336 -1.49 3.20 9.89
N PRO A 337 -1.29 3.29 8.57
CA PRO A 337 -0.19 2.57 7.92
C PRO A 337 1.19 2.99 8.42
N THR A 338 2.12 2.05 8.49
CA THR A 338 3.49 2.32 8.95
C THR A 338 4.13 3.53 8.30
N PHE A 339 4.03 3.61 6.98
CA PHE A 339 4.66 4.73 6.27
C PHE A 339 3.71 5.88 5.96
N MET A 340 2.65 5.99 6.75
CA MET A 340 1.66 7.05 6.59
C MET A 340 2.32 8.41 6.46
N ALA A 341 1.95 9.16 5.42
CA ALA A 341 2.45 10.50 5.16
C ALA A 341 3.97 10.58 5.05
N ASN A 342 4.58 9.58 4.43
CA ASN A 342 6.02 9.54 4.21
C ASN A 342 6.57 10.88 3.68
N PRO A 343 7.53 11.50 4.39
CA PRO A 343 8.02 12.82 3.96
C PRO A 343 8.59 12.84 2.53
N LEU A 344 9.32 11.81 2.13
CA LEU A 344 9.88 11.80 0.77
C LEU A 344 8.78 11.82 -0.28
N ALA A 345 7.79 10.93 -0.14
CA ALA A 345 6.70 10.86 -1.11
C ALA A 345 5.88 12.15 -1.08
N CYS A 346 5.64 12.68 0.12
CA CYS A 346 4.85 13.91 0.23
C CYS A 346 5.57 15.09 -0.41
N ALA A 347 6.88 15.18 -0.20
CA ALA A 347 7.65 16.31 -0.76
C ALA A 347 7.66 16.28 -2.29
N VAL A 348 7.80 15.11 -2.89
CA VAL A 348 7.81 15.05 -4.35
C VAL A 348 6.38 15.32 -4.87
N SER A 349 5.36 14.90 -4.13
CA SER A 349 3.96 15.18 -4.51
CA SER A 349 3.96 15.18 -4.51
C SER A 349 3.69 16.69 -4.52
N VAL A 350 4.16 17.37 -3.47
CA VAL A 350 4.00 18.82 -3.37
C VAL A 350 4.57 19.45 -4.62
N ALA A 351 5.79 19.06 -4.96
CA ALA A 351 6.46 19.63 -6.13
C ALA A 351 5.68 19.31 -7.39
N SER A 352 5.12 18.10 -7.47
CA SER A 352 4.40 17.69 -8.67
C SER A 352 3.11 18.48 -8.85
N VAL A 353 2.39 18.69 -7.76
CA VAL A 353 1.13 19.43 -7.81
C VAL A 353 1.39 20.89 -8.13
N GLU A 354 2.40 21.47 -7.47
CA GLU A 354 2.75 22.86 -7.72
C GLU A 354 3.18 23.08 -9.17
N LEU A 355 3.94 22.12 -9.71
CA LEU A 355 4.36 22.18 -11.11
C LEU A 355 3.15 22.15 -12.03
N LEU A 356 2.16 21.34 -11.68
CA LEU A 356 0.94 21.24 -12.46
C LEU A 356 0.15 22.55 -12.43
N LEU A 357 0.01 23.12 -11.24
CA LEU A 357 -0.81 24.32 -11.04
C LEU A 357 -0.14 25.62 -11.53
N GLY A 358 1.18 25.60 -11.63
CA GLY A 358 1.95 26.77 -11.98
C GLY A 358 2.08 26.98 -13.47
N GLN A 359 1.45 26.10 -14.25
CA GLN A 359 1.46 26.17 -15.70
C GLN A 359 0.02 26.18 -16.17
N ASP A 360 -0.20 26.52 -17.43
CA ASP A 360 -1.55 26.49 -18.00
C ASP A 360 -1.88 25.06 -18.40
N TRP A 361 -2.14 24.23 -17.39
CA TRP A 361 -2.33 22.79 -17.62
C TRP A 361 -3.56 22.53 -18.46
N ARG A 362 -4.58 23.37 -18.34
CA ARG A 362 -5.83 23.17 -19.07
C ARG A 362 -5.61 23.27 -20.58
N THR A 363 -4.87 24.29 -21.00
CA THR A 363 -4.55 24.45 -22.41
C THR A 363 -3.71 23.28 -22.89
N ARG A 364 -2.73 22.88 -22.06
CA ARG A 364 -1.87 21.75 -22.37
C ARG A 364 -2.68 20.48 -22.65
N ILE A 365 -3.65 20.20 -21.77
CA ILE A 365 -4.43 18.97 -21.90
C ILE A 365 -5.38 19.05 -23.09
N THR A 366 -5.97 20.21 -23.31
CA THR A 366 -6.80 20.44 -24.50
C THR A 366 -6.01 20.18 -25.78
N GLU A 367 -4.76 20.60 -25.81
CA GLU A 367 -3.90 20.40 -26.97
C GLU A 367 -3.56 18.92 -27.16
N LEU A 368 -3.29 18.23 -26.04
CA LEU A 368 -3.06 16.80 -26.09
C LEU A 368 -4.28 16.07 -26.64
N ALA A 369 -5.44 16.45 -26.15
CA ALA A 369 -6.69 15.80 -26.56
C ALA A 369 -6.92 16.01 -28.06
N ALA A 370 -6.56 17.20 -28.55
CA ALA A 370 -6.73 17.51 -29.97
C ALA A 370 -5.80 16.65 -30.80
N GLY A 371 -4.56 16.52 -30.32
CA GLY A 371 -3.57 15.67 -30.94
C GLY A 371 -3.94 14.18 -30.96
N LEU A 372 -4.56 13.70 -29.89
CA LEU A 372 -5.02 12.31 -29.86
C LEU A 372 -6.18 12.09 -30.81
N THR A 373 -7.13 13.02 -30.80
CA THR A 373 -8.30 12.96 -31.66
C THR A 373 -7.89 12.92 -33.13
N ALA A 374 -7.00 13.83 -33.53
CA ALA A 374 -6.57 13.93 -34.92
C ALA A 374 -5.75 12.70 -35.33
N GLY A 375 -4.93 12.21 -34.42
CA GLY A 375 -4.06 11.09 -34.74
C GLY A 375 -4.77 9.75 -34.82
N LEU A 376 -5.84 9.58 -34.04
CA LEU A 376 -6.56 8.31 -33.98
C LEU A 376 -7.72 8.26 -34.97
N ASP A 377 -7.98 9.36 -35.66
CA ASP A 377 -9.18 9.42 -36.51
C ASP A 377 -9.22 8.35 -37.60
N THR A 378 -8.07 8.00 -38.19
CA THR A 378 -8.09 7.00 -39.27
C THR A 378 -8.29 5.58 -38.76
N ALA A 379 -8.19 5.37 -37.45
CA ALA A 379 -8.46 4.05 -36.92
C ALA A 379 -9.94 3.68 -37.09
N ARG A 380 -10.82 4.68 -37.15
CA ARG A 380 -12.26 4.42 -37.21
C ARG A 380 -12.63 3.59 -38.43
N ALA A 381 -11.89 3.74 -39.52
CA ALA A 381 -12.20 3.03 -40.75
C ALA A 381 -11.63 1.62 -40.79
N LEU A 382 -10.78 1.27 -39.82
CA LEU A 382 -10.12 -0.04 -39.82
C LEU A 382 -11.13 -1.15 -39.52
N PRO A 383 -10.96 -2.31 -40.17
CA PRO A 383 -11.96 -3.39 -40.07
C PRO A 383 -12.16 -3.96 -38.66
N ALA A 384 -11.13 -3.96 -37.84
CA ALA A 384 -11.24 -4.56 -36.52
C ALA A 384 -11.59 -3.54 -35.42
N VAL A 385 -11.78 -2.29 -35.82
CA VAL A 385 -12.04 -1.23 -34.86
C VAL A 385 -13.53 -0.94 -34.69
N THR A 386 -14.02 -1.01 -33.45
CA THR A 386 -15.44 -0.78 -33.18
C THR A 386 -15.71 0.64 -32.66
N ASP A 387 -14.73 1.26 -32.02
CA ASP A 387 -14.91 2.61 -31.52
C ASP A 387 -13.57 3.30 -31.33
N VAL A 388 -13.55 4.61 -31.54
CA VAL A 388 -12.41 5.44 -31.16
C VAL A 388 -12.94 6.55 -30.27
N ARG A 389 -12.30 6.75 -29.12
CA ARG A 389 -12.77 7.77 -28.21
C ARG A 389 -11.64 8.42 -27.42
N VAL A 390 -11.81 9.70 -27.15
CA VAL A 390 -10.81 10.52 -26.48
C VAL A 390 -11.47 11.36 -25.39
N CYS A 391 -10.83 11.44 -24.23
CA CYS A 391 -11.29 12.27 -23.14
C CYS A 391 -10.10 12.90 -22.43
N GLY A 392 -9.87 14.20 -22.63
CA GLY A 392 -8.63 14.83 -22.21
C GLY A 392 -7.43 14.10 -22.78
N ALA A 393 -6.42 13.86 -21.94
CA ALA A 393 -5.20 13.18 -22.39
C ALA A 393 -5.32 11.66 -22.27
N ILE A 394 -6.42 11.13 -22.77
CA ILE A 394 -6.70 9.69 -22.82
C ILE A 394 -7.20 9.32 -24.22
N GLY A 395 -6.53 8.40 -24.90
CA GLY A 395 -6.98 7.99 -26.22
C GLY A 395 -7.22 6.50 -26.27
N VAL A 396 -8.34 6.09 -26.86
CA VAL A 396 -8.73 4.69 -26.84
C VAL A 396 -9.18 4.19 -28.21
N ILE A 397 -8.56 3.11 -28.69
CA ILE A 397 -9.13 2.37 -29.81
C ILE A 397 -9.71 1.07 -29.27
N GLU A 398 -11.03 0.91 -29.42
CA GLU A 398 -11.69 -0.32 -29.02
C GLU A 398 -11.79 -1.26 -30.22
N CYS A 399 -11.28 -2.48 -30.08
CA CYS A 399 -11.23 -3.43 -31.18
C CYS A 399 -12.30 -4.49 -31.02
N ASP A 400 -12.56 -5.25 -32.09
CA ASP A 400 -13.63 -6.25 -32.06
C ASP A 400 -13.16 -7.60 -31.51
N ARG A 401 -11.90 -7.65 -31.09
CA ARG A 401 -11.35 -8.88 -30.52
C ARG A 401 -10.28 -8.54 -29.51
N PRO A 402 -9.97 -9.48 -28.59
CA PRO A 402 -8.85 -9.24 -27.67
C PRO A 402 -7.56 -8.99 -28.43
N VAL A 403 -6.78 -8.02 -27.95
CA VAL A 403 -5.51 -7.70 -28.59
C VAL A 403 -4.40 -8.64 -28.11
N ASP A 404 -3.76 -9.30 -29.08
CA ASP A 404 -2.69 -10.24 -28.77
C ASP A 404 -1.38 -9.48 -28.52
N LEU A 405 -0.89 -9.54 -27.28
CA LEU A 405 0.31 -8.78 -26.91
C LEU A 405 1.54 -9.25 -27.68
N ALA A 406 1.58 -10.52 -28.05
CA ALA A 406 2.70 -11.05 -28.81
C ALA A 406 2.84 -10.35 -30.17
N VAL A 407 1.74 -9.86 -30.71
CA VAL A 407 1.76 -9.13 -31.98
C VAL A 407 1.89 -7.62 -31.72
N ALA A 408 1.11 -7.13 -30.78
CA ALA A 408 1.06 -5.69 -30.52
C ALA A 408 2.36 -5.15 -29.96
N THR A 409 3.02 -5.89 -29.06
CA THR A 409 4.17 -5.31 -28.37
C THR A 409 5.36 -5.06 -29.32
N PRO A 410 5.75 -6.05 -30.14
CA PRO A 410 6.82 -5.68 -31.09
C PRO A 410 6.39 -4.65 -32.13
N ALA A 411 5.12 -4.66 -32.54
CA ALA A 411 4.65 -3.68 -33.53
C ALA A 411 4.81 -2.26 -33.00
N ALA A 412 4.45 -2.07 -31.73
CA ALA A 412 4.61 -0.77 -31.08
C ALA A 412 6.09 -0.40 -30.95
N LEU A 413 6.89 -1.34 -30.45
CA LEU A 413 8.32 -1.11 -30.27
C LEU A 413 9.02 -0.77 -31.59
N ASP A 414 8.57 -1.39 -32.69
CA ASP A 414 9.15 -1.13 -34.01
C ASP A 414 8.92 0.32 -34.41
N ARG A 415 7.93 0.95 -33.80
CA ARG A 415 7.55 2.30 -34.14
C ARG A 415 7.96 3.29 -33.05
N GLY A 416 8.80 2.82 -32.13
CA GLY A 416 9.41 3.64 -31.11
C GLY A 416 8.46 4.03 -29.99
N VAL A 417 7.51 3.15 -29.69
CA VAL A 417 6.50 3.47 -28.70
C VAL A 417 6.25 2.27 -27.79
N TRP A 418 6.19 2.54 -26.49
CA TRP A 418 5.78 1.51 -25.53
C TRP A 418 4.27 1.59 -25.30
N LEU A 419 3.56 0.54 -25.70
CA LEU A 419 2.12 0.44 -25.48
C LEU A 419 1.84 -0.79 -24.66
N ARG A 420 0.81 -0.73 -23.83
CA ARG A 420 0.38 -1.91 -23.09
C ARG A 420 -1.12 -2.10 -23.26
N PRO A 421 -1.52 -2.75 -24.35
CA PRO A 421 -2.94 -3.06 -24.54
C PRO A 421 -3.45 -3.96 -23.43
N PHE A 422 -4.76 -3.96 -23.31
CA PHE A 422 -5.43 -4.88 -22.40
CA PHE A 422 -5.51 -4.69 -22.29
C PHE A 422 -6.82 -5.15 -22.93
N ARG A 423 -7.23 -6.40 -22.75
CA ARG A 423 -8.48 -6.88 -23.35
CA ARG A 423 -8.46 -6.91 -23.36
C ARG A 423 -8.48 -6.54 -24.84
N ASN A 424 -9.56 -5.92 -25.30
CA ASN A 424 -9.69 -5.50 -26.70
C ASN A 424 -9.35 -4.03 -26.93
N LEU A 425 -8.54 -3.44 -26.04
CA LEU A 425 -8.28 -2.01 -26.07
C LEU A 425 -6.82 -1.67 -26.33
N VAL A 426 -6.60 -0.81 -27.31
CA VAL A 426 -5.32 -0.20 -27.54
C VAL A 426 -5.46 1.24 -27.08
N TYR A 427 -4.81 1.60 -25.98
CA TYR A 427 -5.11 2.88 -25.37
C TYR A 427 -3.83 3.56 -24.88
N ALA A 428 -3.92 4.86 -24.63
CA ALA A 428 -2.76 5.64 -24.21
C ALA A 428 -3.16 6.78 -23.30
N MET A 429 -2.26 7.12 -22.39
CA MET A 429 -2.42 8.25 -21.47
C MET A 429 -1.05 8.88 -21.34
N PRO A 430 -0.67 9.67 -22.34
CA PRO A 430 0.70 10.19 -22.45
C PRO A 430 1.07 11.19 -21.38
N PRO A 431 2.37 11.32 -21.10
CA PRO A 431 2.80 12.41 -20.23
C PRO A 431 2.38 13.78 -20.80
N TYR A 432 2.07 14.72 -19.92
CA TYR A 432 1.59 16.03 -20.34
C TYR A 432 2.67 16.82 -21.08
N ILE A 433 3.92 16.38 -20.94
CA ILE A 433 5.04 17.09 -21.58
C ILE A 433 5.28 16.65 -23.01
N CYS A 434 4.47 15.72 -23.52
CA CYS A 434 4.65 15.24 -24.87
C CYS A 434 4.38 16.37 -25.89
N THR A 435 5.32 16.58 -26.80
CA THR A 435 5.14 17.51 -27.91
C THR A 435 4.13 16.97 -28.92
N PRO A 436 3.60 17.85 -29.79
CA PRO A 436 2.69 17.38 -30.84
C PRO A 436 3.27 16.28 -31.71
N ALA A 437 4.55 16.38 -32.08
CA ALA A 437 5.20 15.34 -32.87
C ALA A 437 5.22 13.99 -32.14
N GLU A 438 5.41 14.04 -30.83
CA GLU A 438 5.45 12.83 -30.01
C GLU A 438 4.05 12.22 -29.89
N ILE A 439 3.03 13.06 -29.75
CA ILE A 439 1.67 12.53 -29.70
C ILE A 439 1.34 11.86 -31.04
N THR A 440 1.78 12.47 -32.12
CA THR A 440 1.57 11.91 -33.46
C THR A 440 2.24 10.55 -33.62
N GLN A 441 3.46 10.42 -33.09
CA GLN A 441 4.19 9.16 -33.14
C GLN A 441 3.43 8.10 -32.34
N ILE A 442 2.87 8.51 -31.21
CA ILE A 442 2.11 7.60 -30.36
C ILE A 442 0.81 7.15 -31.06
N THR A 443 -0.01 8.11 -31.51
CA THR A 443 -1.25 7.75 -32.20
C THR A 443 -0.97 6.89 -33.45
N SER A 444 0.14 7.16 -34.14
CA SER A 444 0.50 6.40 -35.33
CA SER A 444 0.49 6.39 -35.33
C SER A 444 0.78 4.93 -34.99
N ALA A 445 1.51 4.70 -33.90
CA ALA A 445 1.79 3.34 -33.46
C ALA A 445 0.51 2.62 -33.06
N MET A 446 -0.39 3.33 -32.38
CA MET A 446 -1.66 2.77 -31.94
C MET A 446 -2.49 2.32 -33.14
N VAL A 447 -2.55 3.17 -34.15
CA VAL A 447 -3.27 2.83 -35.38
C VAL A 447 -2.67 1.58 -36.02
N GLU A 448 -1.34 1.50 -36.10
CA GLU A 448 -0.71 0.35 -36.73
C GLU A 448 -0.92 -0.93 -35.90
N VAL A 449 -0.98 -0.79 -34.58
CA VAL A 449 -1.31 -1.94 -33.77
C VAL A 449 -2.73 -2.40 -34.09
N ALA A 450 -3.65 -1.44 -34.24
CA ALA A 450 -5.04 -1.78 -34.54
C ALA A 450 -5.16 -2.43 -35.91
N ARG A 451 -4.33 -1.97 -36.85
CA ARG A 451 -4.35 -2.49 -38.21
C ARG A 451 -3.92 -3.95 -38.20
N LEU A 452 -2.87 -4.24 -37.42
CA LEU A 452 -2.39 -5.61 -37.28
C LEU A 452 -3.42 -6.55 -36.65
N VAL A 453 -4.23 -6.00 -35.74
CA VAL A 453 -5.28 -6.79 -35.10
C VAL A 453 -6.26 -7.36 -36.12
N GLY A 454 -6.58 -6.56 -37.13
CA GLY A 454 -7.57 -6.94 -38.13
C GLY A 454 -7.05 -7.66 -39.35
N SER A 455 -5.74 -7.91 -39.39
CA SER A 455 -5.13 -8.69 -40.47
C SER A 455 -4.30 -9.82 -39.86
N LEU A 456 -4.92 -10.98 -39.72
CA LEU A 456 -4.39 -12.10 -38.92
C LEU A 456 -4.04 -11.60 -37.53
N GLY B 27 6.55 26.90 1.90
CA GLY B 27 7.24 26.97 3.17
C GLY B 27 6.29 27.24 4.33
N LEU B 28 6.53 26.57 5.45
CA LEU B 28 5.69 26.70 6.64
C LEU B 28 6.51 26.68 7.92
N THR B 29 6.21 27.62 8.83
CA THR B 29 6.76 27.63 10.17
C THR B 29 6.13 26.50 10.98
N PRO B 30 6.80 26.06 12.07
CA PRO B 30 6.21 25.02 12.91
C PRO B 30 4.81 25.38 13.41
N GLU B 31 4.56 26.67 13.66
CA GLU B 31 3.25 27.12 14.11
CA GLU B 31 3.25 27.12 14.12
C GLU B 31 2.20 26.92 13.01
N GLN B 32 2.55 27.28 11.78
CA GLN B 32 1.66 27.10 10.64
C GLN B 32 1.40 25.62 10.35
N ILE B 33 2.41 24.79 10.61
CA ILE B 33 2.31 23.35 10.43
C ILE B 33 1.27 22.78 11.40
N ILE B 34 1.35 23.18 12.66
CA ILE B 34 0.37 22.76 13.66
C ILE B 34 -1.06 23.17 13.29
N ALA B 35 -1.21 24.37 12.73
CA ALA B 35 -2.54 24.87 12.35
C ALA B 35 -3.14 24.07 11.19
N VAL B 36 -2.35 23.88 10.14
CA VAL B 36 -2.74 23.04 9.00
C VAL B 36 -3.03 21.62 9.46
N ASP B 37 -2.14 21.07 10.28
CA ASP B 37 -2.29 19.72 10.78
C ASP B 37 -3.59 19.52 11.55
N GLY B 38 -3.88 20.41 12.50
CA GLY B 38 -5.08 20.26 13.30
C GLY B 38 -6.37 20.38 12.49
N ALA B 39 -6.31 21.15 11.43
CA ALA B 39 -7.49 21.39 10.61
C ALA B 39 -7.69 20.30 9.55
N HIS B 40 -6.59 19.80 9.01
CA HIS B 40 -6.71 19.00 7.77
C HIS B 40 -6.10 17.60 7.77
N LEU B 41 -5.32 17.22 8.78
CA LEU B 41 -4.60 15.95 8.70
C LEU B 41 -5.10 14.91 9.68
N TRP B 42 -5.47 13.73 9.14
CA TRP B 42 -5.70 12.56 9.97
C TRP B 42 -4.38 11.96 10.40
N HIS B 43 -4.29 11.51 11.65
CA HIS B 43 -3.13 10.77 12.13
C HIS B 43 -3.54 9.31 12.41
N PRO B 44 -2.57 8.42 12.63
CA PRO B 44 -2.95 7.01 12.87
C PRO B 44 -3.97 6.84 14.02
N TYR B 45 -5.05 6.08 13.77
CA TYR B 45 -6.02 5.72 14.81
C TYR B 45 -6.45 6.93 15.65
N SER B 46 -6.64 8.07 14.99
CA SER B 46 -6.92 9.32 15.69
CA SER B 46 -6.94 9.30 15.71
C SER B 46 -8.22 9.96 15.25
N SER B 47 -8.55 11.09 15.89
CA SER B 47 -9.71 11.89 15.53
C SER B 47 -9.26 13.15 14.81
N ILE B 48 -10.22 13.87 14.26
CA ILE B 48 -9.98 15.24 13.83
C ILE B 48 -10.53 16.14 14.92
N GLY B 49 -9.66 16.94 15.55
CA GLY B 49 -10.10 18.00 16.44
C GLY B 49 -10.41 17.57 17.86
N ARG B 50 -10.08 16.33 18.22
CA ARG B 50 -10.39 15.83 19.55
C ARG B 50 -9.20 15.16 20.24
N GLU B 51 -8.02 15.20 19.65
CA GLU B 51 -6.89 14.49 20.26
C GLU B 51 -6.33 15.29 21.44
N ALA B 52 -6.13 14.59 22.56
CA ALA B 52 -5.69 15.24 23.80
C ALA B 52 -4.25 15.75 23.67
N VAL B 53 -3.43 14.93 23.02
CA VAL B 53 -2.04 15.30 22.80
C VAL B 53 -1.79 15.64 21.33
N SER B 54 -1.58 16.94 21.07
N SER B 54 -1.58 16.94 21.07
CA SER B 54 -1.28 17.43 19.72
CA SER B 54 -1.29 17.42 19.72
C SER B 54 0.02 16.87 19.19
C SER B 54 0.02 16.83 19.19
N PRO B 55 0.08 16.58 17.88
CA PRO B 55 1.32 16.09 17.26
C PRO B 55 2.46 17.07 17.43
N VAL B 56 3.67 16.54 17.63
CA VAL B 56 4.88 17.33 17.74
C VAL B 56 5.51 17.47 16.36
N VAL B 57 5.98 18.66 16.02
CA VAL B 57 6.58 18.89 14.70
C VAL B 57 7.99 18.32 14.59
N ALA B 58 8.22 17.44 13.62
CA ALA B 58 9.55 16.95 13.30
C ALA B 58 10.12 17.74 12.13
N VAL B 59 11.34 18.29 12.29
CA VAL B 59 11.91 19.10 11.23
C VAL B 59 13.15 18.48 10.60
N ALA B 60 13.72 17.44 11.22
CA ALA B 60 14.87 16.75 10.65
C ALA B 60 15.06 15.38 11.30
N ALA B 61 15.84 14.54 10.63
CA ALA B 61 16.20 13.23 11.15
C ALA B 61 17.55 12.80 10.56
N HIS B 62 18.49 12.45 11.43
CA HIS B 62 19.80 11.97 11.01
CA HIS B 62 19.78 11.97 10.99
C HIS B 62 20.36 10.96 11.99
N GLY B 63 20.80 9.82 11.46
CA GLY B 63 21.34 8.77 12.31
C GLY B 63 20.22 8.33 13.23
N ALA B 64 20.53 8.16 14.51
CA ALA B 64 19.54 7.68 15.48
C ALA B 64 18.67 8.79 16.05
N TRP B 65 18.81 10.00 15.51
CA TRP B 65 18.23 11.19 16.13
C TRP B 65 17.19 11.93 15.29
N LEU B 66 16.13 12.35 15.94
CA LEU B 66 15.13 13.23 15.35
C LEU B 66 15.29 14.64 15.88
N THR B 67 15.07 15.64 15.04
CA THR B 67 15.00 17.00 15.55
C THR B 67 13.53 17.40 15.66
N LEU B 68 13.07 17.64 16.89
CA LEU B 68 11.66 17.94 17.12
C LEU B 68 11.48 19.35 17.70
N ILE B 69 10.30 19.93 17.50
CA ILE B 69 10.03 21.26 18.01
C ILE B 69 9.31 21.17 19.34
N ARG B 70 9.98 21.65 20.39
CA ARG B 70 9.39 21.68 21.71
C ARG B 70 9.36 23.12 22.22
N ASP B 71 8.15 23.64 22.45
CA ASP B 71 7.96 25.03 22.85
C ASP B 71 8.71 25.97 21.90
N GLY B 72 8.60 25.73 20.61
CA GLY B 72 9.22 26.57 19.61
C GLY B 72 10.71 26.32 19.39
N GLN B 73 11.34 25.55 20.27
CA GLN B 73 12.77 25.26 20.14
C GLN B 73 13.03 23.89 19.50
N PRO B 74 13.93 23.85 18.50
CA PRO B 74 14.35 22.56 17.95
C PRO B 74 15.28 21.82 18.91
N ILE B 75 14.94 20.57 19.21
CA ILE B 75 15.75 19.73 20.09
C ILE B 75 16.01 18.39 19.44
N GLU B 76 17.19 17.82 19.66
CA GLU B 76 17.48 16.51 19.11
C GLU B 76 17.19 15.41 20.13
N VAL B 77 16.40 14.42 19.73
CA VAL B 77 16.04 13.31 20.60
C VAL B 77 16.24 11.98 19.88
N LEU B 78 16.53 10.92 20.66
CA LEU B 78 16.76 9.60 20.09
C LEU B 78 15.47 8.96 19.55
N ASP B 79 15.53 8.37 18.36
CA ASP B 79 14.38 7.67 17.78
C ASP B 79 14.33 6.27 18.33
N ALA B 80 13.86 6.11 19.56
CA ALA B 80 13.90 4.82 20.23
C ALA B 80 12.99 3.80 19.56
N MET B 81 12.04 4.30 18.76
CA MET B 81 11.06 3.44 18.07
C MET B 81 11.54 3.01 16.68
N SER B 82 12.71 3.48 16.27
CA SER B 82 13.15 3.40 14.88
C SER B 82 12.01 3.81 13.94
N SER B 83 11.23 4.81 14.32
CA SER B 83 10.09 5.23 13.48
C SER B 83 9.24 4.01 13.10
N TRP B 84 8.80 3.30 14.12
CA TRP B 84 8.00 2.10 13.98
C TRP B 84 8.70 0.98 13.19
N TRP B 85 9.88 0.57 13.66
CA TRP B 85 10.63 -0.59 13.18
C TRP B 85 11.43 -0.35 11.90
N THR B 86 11.24 0.83 11.30
CA THR B 86 11.72 1.03 9.94
C THR B 86 13.19 1.41 9.84
N ALA B 87 13.63 2.31 10.70
CA ALA B 87 14.94 2.95 10.58
C ALA B 87 16.09 2.14 11.15
N ILE B 88 16.28 0.93 10.67
CA ILE B 88 17.25 0.02 11.30
C ILE B 88 18.70 0.48 11.15
N HIS B 89 19.02 1.24 10.10
CA HIS B 89 20.37 1.81 9.92
C HIS B 89 20.44 3.27 10.32
N GLY B 90 19.41 3.75 11.01
CA GLY B 90 19.25 5.17 11.27
C GLY B 90 18.76 5.95 10.06
N HIS B 91 18.41 7.21 10.26
CA HIS B 91 17.96 8.08 9.19
C HIS B 91 19.14 8.68 8.42
N GLY B 92 18.95 8.92 7.13
CA GLY B 92 19.99 9.57 6.33
C GLY B 92 21.33 8.86 6.34
N HIS B 93 21.32 7.53 6.29
CA HIS B 93 22.57 6.79 6.22
C HIS B 93 23.21 7.05 4.86
N PRO B 94 24.50 7.42 4.84
CA PRO B 94 25.14 7.81 3.57
C PRO B 94 25.04 6.76 2.46
N ALA B 95 25.18 5.49 2.79
CA ALA B 95 25.13 4.46 1.77
C ALA B 95 23.72 4.32 1.18
N LEU B 96 22.69 4.53 2.00
CA LEU B 96 21.33 4.42 1.50
C LEU B 96 20.89 5.69 0.75
N ASP B 97 21.26 6.86 1.27
CA ASP B 97 21.03 8.12 0.54
C ASP B 97 21.63 8.00 -0.84
N GLN B 98 22.86 7.49 -0.91
CA GLN B 98 23.60 7.33 -2.16
C GLN B 98 22.91 6.40 -3.15
N ALA B 99 22.38 5.29 -2.64
CA ALA B 99 21.73 4.32 -3.50
C ALA B 99 20.51 4.95 -4.15
N LEU B 100 19.77 5.71 -3.35
CA LEU B 100 18.56 6.39 -3.85
CA LEU B 100 18.57 6.40 -3.83
C LEU B 100 18.91 7.41 -4.93
N THR B 101 19.83 8.32 -4.63
CA THR B 101 20.18 9.35 -5.60
CA THR B 101 20.27 9.36 -5.57
C THR B 101 20.80 8.75 -6.87
N THR B 102 21.52 7.66 -6.73
CA THR B 102 22.10 7.00 -7.90
C THR B 102 21.00 6.47 -8.81
N GLN B 103 20.00 5.79 -8.24
CA GLN B 103 18.89 5.29 -9.03
C GLN B 103 18.04 6.43 -9.61
N LEU B 104 17.93 7.52 -8.87
CA LEU B 104 17.10 8.64 -9.29
C LEU B 104 17.63 9.26 -10.59
N ARG B 105 18.95 9.22 -10.79
CA ARG B 105 19.56 9.78 -11.98
C ARG B 105 19.35 8.94 -13.23
N VAL B 106 19.05 7.66 -13.06
CA VAL B 106 18.88 6.80 -14.23
C VAL B 106 17.41 6.46 -14.54
N MET B 107 16.61 6.16 -13.52
CA MET B 107 15.23 5.73 -13.77
C MET B 107 14.42 5.77 -12.47
N ASN B 108 13.50 6.73 -12.36
CA ASN B 108 12.71 6.85 -11.14
C ASN B 108 11.71 5.71 -10.96
N HIS B 109 11.03 5.35 -12.06
CA HIS B 109 9.97 4.34 -12.02
C HIS B 109 9.58 3.95 -13.43
N VAL B 110 9.26 2.67 -13.64
CA VAL B 110 8.54 2.27 -14.84
C VAL B 110 7.50 1.24 -14.42
N MET B 111 6.48 1.04 -15.24
CA MET B 111 5.42 0.08 -14.90
C MET B 111 5.96 -1.35 -14.95
N PHE B 112 5.53 -2.19 -14.01
CA PHE B 112 6.02 -3.56 -13.95
C PHE B 112 5.20 -4.50 -14.84
N GLY B 113 4.19 -3.94 -15.52
CA GLY B 113 3.40 -4.72 -16.44
C GLY B 113 4.09 -4.81 -17.78
N GLY B 114 4.81 -5.91 -18.01
CA GLY B 114 5.47 -6.15 -19.28
C GLY B 114 6.92 -5.69 -19.34
N LEU B 115 7.38 -5.00 -18.29
CA LEU B 115 8.76 -4.55 -18.16
C LEU B 115 9.38 -5.08 -16.89
N THR B 116 10.70 -5.24 -16.89
CA THR B 116 11.43 -5.54 -15.67
C THR B 116 12.66 -4.65 -15.61
N HIS B 117 13.41 -4.76 -14.52
CA HIS B 117 14.55 -3.87 -14.28
C HIS B 117 15.52 -4.38 -13.23
N GLU B 118 16.70 -3.76 -13.20
CA GLU B 118 17.79 -4.26 -12.37
C GLU B 118 17.49 -4.18 -10.86
N PRO B 119 16.95 -3.06 -10.37
CA PRO B 119 16.64 -3.06 -8.93
C PRO B 119 15.68 -4.20 -8.49
N ALA B 120 14.63 -4.46 -9.27
CA ALA B 120 13.71 -5.54 -8.92
C ALA B 120 14.42 -6.89 -8.91
N ALA B 121 15.25 -7.14 -9.93
CA ALA B 121 16.00 -8.40 -10.00
C ALA B 121 17.02 -8.55 -8.87
N ARG B 122 17.77 -7.49 -8.59
CA ARG B 122 18.77 -7.57 -7.53
C ARG B 122 18.11 -7.81 -6.19
N LEU B 123 16.96 -7.17 -5.96
CA LEU B 123 16.33 -7.30 -4.65
C LEU B 123 15.72 -8.70 -4.51
N ALA B 124 15.07 -9.17 -5.58
CA ALA B 124 14.46 -10.50 -5.55
C ALA B 124 15.51 -11.57 -5.27
N LYS B 125 16.64 -11.48 -5.97
CA LYS B 125 17.74 -12.40 -5.80
C LYS B 125 18.23 -12.39 -4.34
N LEU B 126 18.36 -11.19 -3.78
CA LEU B 126 18.78 -11.04 -2.39
C LEU B 126 17.79 -11.69 -1.43
N LEU B 127 16.52 -11.39 -1.62
CA LEU B 127 15.49 -11.87 -0.69
C LEU B 127 15.34 -13.39 -0.74
N VAL B 128 15.40 -13.98 -1.92
CA VAL B 128 15.27 -15.44 -1.99
C VAL B 128 16.50 -16.10 -1.36
N ASP B 129 17.64 -15.41 -1.41
CA ASP B 129 18.87 -15.97 -0.85
C ASP B 129 18.89 -15.97 0.68
N ILE B 130 18.38 -14.90 1.30
CA ILE B 130 18.53 -14.75 2.75
C ILE B 130 17.30 -15.18 3.57
N THR B 131 16.19 -15.47 2.91
CA THR B 131 14.98 -15.91 3.63
C THR B 131 15.08 -17.41 3.91
N PRO B 132 14.24 -17.91 4.82
CA PRO B 132 14.22 -19.35 5.08
C PRO B 132 14.17 -20.22 3.81
N ALA B 133 14.75 -21.40 3.87
CA ALA B 133 14.92 -22.24 2.69
C ALA B 133 13.60 -22.53 1.97
N GLY B 134 13.61 -22.50 0.66
CA GLY B 134 12.45 -22.91 -0.12
C GLY B 134 11.60 -21.78 -0.68
N LEU B 135 11.79 -20.57 -0.17
CA LEU B 135 11.03 -19.43 -0.65
C LEU B 135 11.74 -18.81 -1.84
N ASP B 136 11.29 -19.11 -3.06
CA ASP B 136 12.05 -18.68 -4.23
C ASP B 136 11.30 -17.83 -5.25
N THR B 137 10.10 -17.36 -4.89
CA THR B 137 9.41 -16.41 -5.76
C THR B 137 8.98 -15.20 -4.94
N VAL B 138 9.00 -14.03 -5.56
CA VAL B 138 8.78 -12.76 -4.83
C VAL B 138 7.73 -11.92 -5.52
N PHE B 139 6.71 -11.51 -4.77
CA PHE B 139 5.69 -10.59 -5.25
C PHE B 139 5.82 -9.29 -4.46
N PHE B 140 6.24 -8.23 -5.14
CA PHE B 140 6.40 -6.93 -4.49
C PHE B 140 5.07 -6.17 -4.41
N SER B 141 4.84 -5.50 -3.27
CA SER B 141 3.73 -4.55 -3.16
C SER B 141 4.17 -3.32 -2.38
N ASP B 142 3.22 -2.44 -2.05
CA ASP B 142 3.50 -1.12 -1.54
CA ASP B 142 3.58 -1.14 -1.52
C ASP B 142 3.40 -1.00 -0.02
N SER B 143 2.83 -2.01 0.63
CA SER B 143 2.73 -1.95 2.09
C SER B 143 2.52 -3.32 2.73
N GLY B 144 2.78 -3.38 4.03
CA GLY B 144 2.62 -4.61 4.78
C GLY B 144 1.22 -5.17 4.70
N SER B 145 0.21 -4.32 4.88
CA SER B 145 -1.18 -4.79 4.83
CA SER B 145 -1.17 -4.79 4.84
C SER B 145 -1.49 -5.42 3.48
N VAL B 146 -1.02 -4.79 2.41
CA VAL B 146 -1.26 -5.35 1.08
C VAL B 146 -0.51 -6.66 0.92
N SER B 147 0.70 -6.76 1.47
CA SER B 147 1.47 -8.00 1.33
CA SER B 147 1.50 -7.99 1.39
C SER B 147 0.77 -9.16 2.05
N VAL B 148 0.06 -8.85 3.13
CA VAL B 148 -0.71 -9.85 3.86
C VAL B 148 -1.91 -10.29 3.02
N GLU B 149 -2.57 -9.35 2.34
CA GLU B 149 -3.69 -9.71 1.47
C GLU B 149 -3.22 -10.54 0.27
N VAL B 150 -2.04 -10.21 -0.26
CA VAL B 150 -1.47 -11.03 -1.32
C VAL B 150 -1.19 -12.45 -0.83
N ALA B 151 -0.63 -12.56 0.37
CA ALA B 151 -0.37 -13.88 0.96
C ALA B 151 -1.68 -14.67 1.10
N ALA B 152 -2.75 -14.01 1.54
CA ALA B 152 -4.02 -14.70 1.71
C ALA B 152 -4.53 -15.17 0.37
N LYS B 153 -4.36 -14.32 -0.62
CA LYS B 153 -4.87 -14.59 -1.95
C LYS B 153 -4.08 -15.74 -2.54
N MET B 154 -2.77 -15.76 -2.31
CA MET B 154 -1.94 -16.87 -2.72
C MET B 154 -2.46 -18.19 -2.12
N ALA B 155 -2.70 -18.17 -0.81
CA ALA B 155 -3.19 -19.37 -0.12
C ALA B 155 -4.54 -19.85 -0.67
N LEU B 156 -5.47 -18.92 -0.84
CA LEU B 156 -6.80 -19.30 -1.33
C LEU B 156 -6.73 -19.81 -2.75
N GLN B 157 -5.97 -19.12 -3.59
CA GLN B 157 -5.84 -19.55 -4.97
C GLN B 157 -5.08 -20.88 -5.10
N TYR B 158 -4.12 -21.12 -4.19
CA TYR B 158 -3.45 -22.41 -4.12
C TYR B 158 -4.46 -23.54 -4.01
N TRP B 159 -5.39 -23.46 -3.06
CA TRP B 159 -6.29 -24.59 -2.85
C TRP B 159 -7.35 -24.68 -3.94
N ARG B 160 -7.70 -23.55 -4.54
CA ARG B 160 -8.53 -23.58 -5.74
C ARG B 160 -7.81 -24.36 -6.83
N GLY B 161 -6.49 -24.19 -6.88
CA GLY B 161 -5.65 -24.87 -7.83
C GLY B 161 -5.55 -26.37 -7.58
N ARG B 162 -5.89 -26.79 -6.36
CA ARG B 162 -5.88 -28.21 -5.99
C ARG B 162 -7.29 -28.80 -5.99
N GLY B 163 -8.26 -28.03 -6.48
CA GLY B 163 -9.64 -28.48 -6.52
C GLY B 163 -10.34 -28.49 -5.17
N LEU B 164 -9.81 -27.72 -4.22
CA LEU B 164 -10.42 -27.65 -2.88
C LEU B 164 -10.80 -26.20 -2.48
N PRO B 165 -11.78 -25.59 -3.20
CA PRO B 165 -12.18 -24.19 -2.93
C PRO B 165 -12.90 -24.00 -1.61
N GLY B 166 -13.28 -25.09 -0.95
CA GLY B 166 -13.82 -25.00 0.40
C GLY B 166 -12.77 -24.56 1.39
N LYS B 167 -11.49 -24.75 1.04
CA LYS B 167 -10.40 -24.35 1.93
C LYS B 167 -10.16 -22.85 1.78
N ARG B 168 -10.89 -22.05 2.56
CA ARG B 168 -10.92 -20.61 2.33
C ARG B 168 -10.88 -19.77 3.59
N ARG B 169 -10.84 -20.42 4.76
CA ARG B 169 -10.73 -19.66 6.00
C ARG B 169 -9.27 -19.61 6.46
N LEU B 170 -8.98 -18.68 7.34
CA LEU B 170 -7.65 -18.56 7.95
C LEU B 170 -7.74 -18.86 9.42
N MET B 171 -6.65 -19.35 9.98
CA MET B 171 -6.61 -19.62 11.41
C MET B 171 -5.40 -18.91 11.98
N THR B 172 -5.55 -18.32 13.15
CA THR B 172 -4.40 -17.72 13.82
C THR B 172 -4.52 -17.88 15.34
N TRP B 173 -3.51 -17.45 16.10
CA TRP B 173 -3.67 -17.39 17.56
C TRP B 173 -4.02 -15.96 17.98
N ARG B 174 -4.52 -15.78 19.19
CA ARG B 174 -4.88 -14.42 19.64
C ARG B 174 -3.64 -13.57 19.91
N GLY B 175 -3.84 -12.27 20.05
CA GLY B 175 -2.78 -11.32 20.32
C GLY B 175 -1.99 -10.87 19.09
N GLY B 176 -2.49 -11.22 17.91
CA GLY B 176 -1.79 -10.88 16.68
C GLY B 176 -2.19 -9.57 16.05
N TYR B 177 -1.37 -9.12 15.10
CA TYR B 177 -1.66 -7.94 14.28
C TYR B 177 -1.11 -8.13 12.88
N HIS B 178 -1.90 -7.83 11.87
CA HIS B 178 -1.46 -8.08 10.48
C HIS B 178 -1.81 -6.96 9.52
N GLY B 179 -2.20 -5.80 10.04
CA GLY B 179 -2.50 -4.67 9.18
C GLY B 179 -3.94 -4.21 9.26
N ASP B 180 -4.24 -3.18 8.48
CA ASP B 180 -5.49 -2.44 8.68
C ASP B 180 -6.50 -2.58 7.54
N THR B 181 -6.11 -3.23 6.45
CA THR B 181 -7.10 -3.49 5.40
C THR B 181 -8.06 -4.56 5.90
N PHE B 182 -9.21 -4.71 5.23
CA PHE B 182 -10.29 -5.47 5.85
C PHE B 182 -9.99 -6.96 5.99
N LEU B 183 -9.29 -7.58 5.05
CA LEU B 183 -8.95 -8.98 5.25
CA LEU B 183 -8.95 -8.98 5.25
C LEU B 183 -7.87 -9.09 6.33
N ALA B 184 -6.89 -8.19 6.32
CA ALA B 184 -5.86 -8.20 7.36
C ALA B 184 -6.47 -8.04 8.75
N MET B 185 -7.46 -7.15 8.90
CA MET B 185 -8.17 -6.95 10.17
C MET B 185 -8.80 -8.23 10.70
N SER B 186 -9.25 -9.09 9.80
CA SER B 186 -9.99 -10.30 10.19
C SER B 186 -9.13 -11.30 10.96
N ILE B 187 -7.80 -11.19 10.86
CA ILE B 187 -6.93 -12.07 11.61
C ILE B 187 -6.18 -11.33 12.72
N CYS B 188 -6.54 -10.07 12.92
CA CYS B 188 -6.01 -9.32 14.06
CA CYS B 188 -6.04 -9.31 14.06
C CYS B 188 -6.75 -9.77 15.32
N ASP B 189 -6.11 -9.58 16.47
CA ASP B 189 -6.72 -9.91 17.76
C ASP B 189 -8.04 -9.19 17.87
N PRO B 190 -9.12 -9.93 18.19
N PRO B 190 -9.13 -9.93 18.16
CA PRO B 190 -10.51 -9.43 18.27
CA PRO B 190 -10.47 -9.34 18.21
C PRO B 190 -10.79 -8.40 19.39
C PRO B 190 -10.57 -8.07 19.05
N HIS B 191 -9.75 -7.96 20.09
CA HIS B 191 -9.83 -6.79 20.99
C HIS B 191 -8.93 -5.69 20.48
N GLY B 192 -7.70 -6.07 20.10
CA GLY B 192 -6.74 -5.13 19.57
C GLY B 192 -7.26 -4.40 18.36
N GLY B 193 -7.95 -5.12 17.49
CA GLY B 193 -8.50 -4.55 16.26
C GLY B 193 -9.96 -4.16 16.40
N MET B 194 -10.42 -4.07 17.64
CA MET B 194 -11.77 -3.61 17.99
C MET B 194 -12.84 -4.21 17.08
N HIS B 195 -12.82 -5.52 16.94
CA HIS B 195 -13.79 -6.22 16.10
C HIS B 195 -15.21 -5.90 16.53
N SER B 196 -15.34 -5.44 17.77
CA SER B 196 -16.57 -4.89 18.35
C SER B 196 -17.28 -3.93 17.40
N LEU B 197 -16.48 -3.13 16.71
CA LEU B 197 -16.97 -2.07 15.84
C LEU B 197 -17.33 -2.63 14.47
N TRP B 198 -16.79 -3.82 14.18
CA TRP B 198 -16.87 -4.41 12.84
C TRP B 198 -17.55 -5.77 12.81
N THR B 199 -18.67 -5.98 13.51
N THR B 199 -18.67 -5.84 13.53
CA THR B 199 -19.19 -7.35 13.77
CA THR B 199 -19.60 -6.96 13.54
C THR B 199 -19.21 -8.33 12.56
C THR B 199 -20.13 -7.18 12.13
N ASP B 200 -20.31 -8.47 11.84
CA ASP B 200 -20.19 -9.12 10.51
C ASP B 200 -19.95 -8.17 9.30
N VAL B 201 -18.97 -7.30 9.48
CA VAL B 201 -18.27 -6.71 8.36
C VAL B 201 -17.11 -7.62 8.00
N LEU B 202 -16.39 -8.07 9.03
CA LEU B 202 -15.17 -8.84 8.84
C LEU B 202 -15.43 -10.32 8.56
N ALA B 203 -14.54 -10.92 7.79
CA ALA B 203 -14.53 -12.37 7.65
C ALA B 203 -14.36 -12.98 9.03
N ALA B 204 -15.10 -14.07 9.30
CA ALA B 204 -14.99 -14.76 10.59
C ALA B 204 -13.94 -15.82 10.48
N GLN B 205 -12.80 -15.61 11.14
CA GLN B 205 -11.69 -16.55 11.03
C GLN B 205 -11.61 -17.40 12.30
N VAL B 206 -10.71 -18.36 12.31
CA VAL B 206 -10.58 -19.28 13.45
C VAL B 206 -9.47 -18.81 14.37
N PHE B 207 -9.79 -18.58 15.63
CA PHE B 207 -8.78 -18.12 16.60
C PHE B 207 -8.48 -19.14 17.69
N ALA B 208 -7.21 -19.51 17.79
CA ALA B 208 -6.71 -20.28 18.93
C ALA B 208 -6.38 -19.33 20.09
N PRO B 209 -6.28 -19.87 21.32
CA PRO B 209 -5.99 -18.99 22.45
C PRO B 209 -4.63 -18.30 22.32
N GLN B 210 -4.41 -17.26 23.13
CA GLN B 210 -3.10 -16.62 23.24
C GLN B 210 -1.97 -17.63 23.41
N VAL B 211 -0.96 -17.55 22.55
CA VAL B 211 0.21 -18.40 22.66
C VAL B 211 1.03 -17.93 23.88
N PRO B 212 1.36 -18.86 24.79
CA PRO B 212 2.06 -18.47 26.03
C PRO B 212 3.50 -18.08 25.76
N ARG B 213 4.15 -17.41 26.70
CA ARG B 213 5.57 -17.09 26.56
C ARG B 213 6.41 -18.37 26.60
N ASP B 214 6.28 -19.13 27.67
CA ASP B 214 7.08 -20.34 27.82
C ASP B 214 6.46 -21.53 27.11
N TYR B 215 7.30 -22.47 26.70
CA TYR B 215 6.84 -23.58 25.89
C TYR B 215 6.08 -24.63 26.69
N ASP B 216 4.84 -24.83 26.31
CA ASP B 216 3.98 -25.83 26.91
C ASP B 216 3.37 -26.69 25.80
N PRO B 217 3.79 -27.96 25.71
CA PRO B 217 3.34 -28.89 24.66
C PRO B 217 1.82 -29.03 24.61
N ALA B 218 1.16 -28.79 25.73
CA ALA B 218 -0.30 -28.90 25.79
C ALA B 218 -0.96 -27.83 24.93
N TYR B 219 -0.30 -26.68 24.79
CA TYR B 219 -0.84 -25.63 23.94
C TYR B 219 -0.86 -26.10 22.51
N SER B 220 0.25 -26.70 22.06
CA SER B 220 0.36 -27.15 20.68
C SER B 220 -0.63 -28.28 20.41
N ALA B 221 -0.79 -29.19 21.38
CA ALA B 221 -1.75 -30.28 21.22
C ALA B 221 -3.18 -29.75 21.08
N ALA B 222 -3.51 -28.70 21.85
CA ALA B 222 -4.83 -28.10 21.76
C ALA B 222 -5.00 -27.38 20.42
N PHE B 223 -3.96 -26.66 20.00
CA PHE B 223 -3.97 -25.97 18.70
C PHE B 223 -4.29 -26.97 17.61
N GLU B 224 -3.56 -28.09 17.60
CA GLU B 224 -3.77 -29.15 16.63
C GLU B 224 -5.20 -29.67 16.62
N ALA B 225 -5.77 -29.91 17.80
CA ALA B 225 -7.13 -30.46 17.89
C ALA B 225 -8.17 -29.49 17.32
N GLN B 226 -7.98 -28.21 17.61
CA GLN B 226 -8.85 -27.18 17.05
C GLN B 226 -8.69 -27.08 15.54
N LEU B 227 -7.43 -27.05 15.07
CA LEU B 227 -7.18 -26.96 13.63
C LEU B 227 -7.78 -28.19 12.91
N ALA B 228 -7.67 -29.35 13.53
CA ALA B 228 -8.11 -30.60 12.91
C ALA B 228 -9.59 -30.54 12.58
N GLN B 229 -10.36 -29.94 13.45
CA GLN B 229 -11.79 -29.80 13.27
C GLN B 229 -12.14 -28.93 12.07
N HIS B 230 -11.24 -28.03 11.73
CA HIS B 230 -11.48 -27.03 10.70
C HIS B 230 -10.69 -27.25 9.42
N ALA B 231 -9.86 -28.29 9.40
CA ALA B 231 -8.87 -28.44 8.33
C ALA B 231 -9.46 -28.38 6.92
N GLY B 232 -10.67 -28.95 6.76
CA GLY B 232 -11.29 -29.01 5.45
C GLY B 232 -11.79 -27.66 4.94
N GLU B 233 -11.81 -26.66 5.82
CA GLU B 233 -12.22 -25.33 5.40
C GLU B 233 -11.12 -24.30 5.63
N LEU B 234 -9.92 -24.77 6.00
CA LEU B 234 -8.80 -23.86 6.27
C LEU B 234 -7.80 -23.82 5.12
N ALA B 235 -7.54 -22.62 4.60
CA ALA B 235 -6.50 -22.43 3.59
C ALA B 235 -5.13 -22.28 4.23
N ALA B 236 -5.09 -21.61 5.39
CA ALA B 236 -3.79 -21.28 5.97
C ALA B 236 -3.84 -20.95 7.45
N VAL B 237 -2.72 -21.22 8.12
CA VAL B 237 -2.44 -20.66 9.43
C VAL B 237 -1.54 -19.46 9.22
N VAL B 238 -1.88 -18.34 9.84
CA VAL B 238 -1.04 -17.15 9.70
CA VAL B 238 -1.09 -17.11 9.70
C VAL B 238 -0.66 -16.59 11.05
N VAL B 239 0.63 -16.43 11.29
CA VAL B 239 1.11 -15.94 12.57
C VAL B 239 2.33 -15.02 12.41
N GLU B 240 2.55 -14.19 13.42
CA GLU B 240 3.83 -13.51 13.64
C GLU B 240 4.77 -14.44 14.38
N PRO B 241 5.93 -14.75 13.78
CA PRO B 241 6.84 -15.66 14.48
C PRO B 241 7.65 -14.97 15.59
N VAL B 242 7.65 -15.60 16.76
CA VAL B 242 8.43 -15.25 17.96
C VAL B 242 8.00 -13.97 18.68
N VAL B 243 7.78 -12.90 17.91
CA VAL B 243 7.33 -11.65 18.50
C VAL B 243 6.02 -11.19 17.89
N GLN B 244 5.04 -11.00 18.77
CA GLN B 244 3.79 -10.35 18.42
C GLN B 244 3.91 -8.86 18.65
N GLY B 245 3.83 -8.07 17.59
CA GLY B 245 4.05 -6.65 17.72
C GLY B 245 2.90 -5.83 18.25
N ALA B 246 2.06 -5.33 17.34
CA ALA B 246 1.08 -4.32 17.70
C ALA B 246 -0.05 -4.86 18.57
N GLY B 247 -0.10 -6.17 18.69
CA GLY B 247 -1.15 -6.80 19.49
C GLY B 247 -0.80 -6.86 20.96
N GLY B 248 0.44 -6.51 21.31
CA GLY B 248 0.83 -6.59 22.71
C GLY B 248 2.30 -6.74 23.04
N MET B 249 3.17 -6.67 22.03
CA MET B 249 4.61 -6.83 22.21
C MET B 249 4.93 -8.07 23.06
N ARG B 250 4.30 -9.19 22.71
CA ARG B 250 4.49 -10.42 23.46
C ARG B 250 5.48 -11.31 22.76
N PHE B 251 6.24 -12.07 23.54
CA PHE B 251 7.18 -13.02 22.99
C PHE B 251 6.69 -14.45 23.28
N HIS B 252 7.03 -15.37 22.39
CA HIS B 252 6.74 -16.77 22.63
C HIS B 252 7.89 -17.64 22.18
N ASP B 253 7.99 -18.82 22.78
CA ASP B 253 9.07 -19.74 22.48
C ASP B 253 9.06 -20.17 21.02
N PRO B 254 10.22 -20.10 20.34
CA PRO B 254 10.33 -20.48 18.93
C PRO B 254 9.90 -21.92 18.66
N ARG B 255 9.91 -22.78 19.67
CA ARG B 255 9.49 -24.16 19.46
C ARG B 255 8.02 -24.28 19.02
N TYR B 256 7.19 -23.30 19.38
CA TYR B 256 5.81 -23.28 18.93
C TYR B 256 5.72 -23.23 17.40
N LEU B 257 6.68 -22.55 16.77
CA LEU B 257 6.70 -22.46 15.32
C LEU B 257 7.05 -23.81 14.71
N HIS B 258 7.90 -24.56 15.39
CA HIS B 258 8.23 -25.91 14.94
CA HIS B 258 8.23 -25.92 14.98
C HIS B 258 6.98 -26.79 14.99
N ASP B 259 6.16 -26.60 16.02
CA ASP B 259 4.92 -27.35 16.11
C ASP B 259 3.93 -26.96 15.03
N LEU B 260 3.76 -25.65 14.81
CA LEU B 260 2.88 -25.18 13.73
C LEU B 260 3.26 -25.79 12.38
N ARG B 261 4.56 -25.81 12.08
CA ARG B 261 5.01 -26.34 10.78
C ARG B 261 4.62 -27.80 10.61
N ASP B 262 4.77 -28.56 11.69
CA ASP B 262 4.43 -29.97 11.71
CA ASP B 262 4.44 -29.98 11.72
C ASP B 262 2.93 -30.20 11.59
N ILE B 263 2.14 -29.43 12.35
CA ILE B 263 0.68 -29.53 12.33
C ILE B 263 0.15 -29.19 10.94
N CYS B 264 0.67 -28.12 10.37
CA CYS B 264 0.25 -27.70 9.04
C CYS B 264 0.58 -28.76 7.99
N ARG B 265 1.78 -29.31 8.05
CA ARG B 265 2.17 -30.38 7.14
C ARG B 265 1.26 -31.62 7.26
N ARG B 266 0.97 -32.04 8.47
CA ARG B 266 0.17 -33.25 8.66
C ARG B 266 -1.30 -33.09 8.29
N TYR B 267 -1.83 -31.87 8.42
CA TYR B 267 -3.24 -31.62 8.13
C TYR B 267 -3.49 -30.87 6.80
N GLU B 268 -2.44 -30.66 6.02
CA GLU B 268 -2.52 -30.03 4.70
C GLU B 268 -3.18 -28.65 4.76
N VAL B 269 -2.61 -27.80 5.59
CA VAL B 269 -2.97 -26.40 5.67
C VAL B 269 -1.66 -25.66 5.43
N LEU B 270 -1.69 -24.57 4.68
CA LEU B 270 -0.47 -23.82 4.43
C LEU B 270 -0.04 -23.02 5.65
N LEU B 271 1.25 -22.72 5.76
CA LEU B 271 1.74 -21.93 6.86
C LEU B 271 2.29 -20.59 6.35
N ILE B 272 1.75 -19.51 6.88
CA ILE B 272 2.19 -18.16 6.52
C ILE B 272 2.84 -17.47 7.72
N PHE B 273 4.08 -17.02 7.56
CA PHE B 273 4.73 -16.20 8.59
C PHE B 273 4.70 -14.74 8.18
N ASP B 274 4.16 -13.89 9.05
CA ASP B 274 4.15 -12.45 8.83
C ASP B 274 5.37 -11.86 9.55
N GLU B 275 6.44 -11.62 8.79
CA GLU B 275 7.67 -11.11 9.39
C GLU B 275 7.85 -9.65 9.06
N ILE B 276 6.75 -8.94 8.91
CA ILE B 276 6.82 -7.54 8.55
C ILE B 276 7.47 -6.71 9.66
N ALA B 277 7.29 -7.11 10.92
CA ALA B 277 7.94 -6.40 12.01
C ALA B 277 9.22 -7.10 12.47
N THR B 278 9.29 -8.41 12.34
CA THR B 278 10.41 -9.19 12.87
C THR B 278 11.61 -9.33 11.95
N GLY B 279 11.45 -9.02 10.67
CA GLY B 279 12.49 -9.31 9.70
C GLY B 279 13.79 -8.50 9.82
N PHE B 280 14.79 -8.93 9.05
CA PHE B 280 16.06 -8.22 8.89
C PHE B 280 16.81 -7.97 10.20
N GLY B 281 16.93 -9.03 11.00
CA GLY B 281 17.80 -9.03 12.16
C GLY B 281 17.20 -8.63 13.49
N ARG B 282 15.96 -8.13 13.47
CA ARG B 282 15.44 -7.41 14.63
C ARG B 282 15.40 -8.26 15.91
N THR B 283 15.05 -9.53 15.78
CA THR B 283 14.93 -10.41 16.94
C THR B 283 16.19 -11.23 17.26
N GLY B 284 17.31 -10.94 16.59
CA GLY B 284 18.56 -11.64 16.87
C GLY B 284 18.90 -12.67 15.81
N ALA B 285 17.93 -12.92 14.94
CA ALA B 285 18.10 -13.77 13.78
C ALA B 285 17.75 -12.95 12.56
N LEU B 286 18.21 -13.36 11.39
CA LEU B 286 17.96 -12.60 10.17
C LEU B 286 16.45 -12.50 9.96
N PHE B 287 15.78 -13.65 10.11
CA PHE B 287 14.33 -13.68 10.21
C PHE B 287 13.96 -14.53 11.41
N ALA B 288 12.86 -14.17 12.07
CA ALA B 288 12.48 -14.81 13.33
C ALA B 288 12.30 -16.32 13.16
N ALA B 289 11.86 -16.74 11.98
CA ALA B 289 11.67 -18.15 11.70
C ALA B 289 12.96 -18.94 11.91
N ASP B 290 14.10 -18.28 11.70
CA ASP B 290 15.39 -18.94 11.81
C ASP B 290 15.68 -19.38 13.26
N HIS B 291 15.03 -18.75 14.23
CA HIS B 291 15.15 -19.16 15.62
C HIS B 291 14.65 -20.60 15.82
N ALA B 292 13.68 -20.99 15.00
CA ALA B 292 13.07 -22.31 15.09
C ALA B 292 13.58 -23.24 14.01
N GLY B 293 14.28 -22.68 13.02
CA GLY B 293 14.76 -23.46 11.89
C GLY B 293 13.64 -24.04 11.05
N VAL B 294 12.59 -23.24 10.84
CA VAL B 294 11.50 -23.68 9.99
CA VAL B 294 11.42 -23.62 10.07
C VAL B 294 11.25 -22.67 8.87
N SER B 295 10.74 -23.19 7.76
CA SER B 295 10.35 -22.38 6.61
C SER B 295 8.84 -22.44 6.44
N PRO B 296 8.19 -21.27 6.33
CA PRO B 296 6.75 -21.24 6.04
C PRO B 296 6.52 -21.49 4.56
N ASP B 297 5.27 -21.69 4.14
CA ASP B 297 4.97 -21.85 2.74
C ASP B 297 4.94 -20.48 2.03
N ILE B 298 4.57 -19.48 2.80
CA ILE B 298 4.44 -18.09 2.35
C ILE B 298 4.97 -17.18 3.45
N MET B 299 5.63 -16.09 3.08
CA MET B 299 6.22 -15.18 4.05
C MET B 299 5.99 -13.73 3.62
N CYS B 300 5.69 -12.86 4.59
CA CYS B 300 5.57 -11.42 4.33
C CYS B 300 6.70 -10.64 5.00
N VAL B 301 7.29 -9.69 4.27
CA VAL B 301 8.24 -8.74 4.84
C VAL B 301 7.86 -7.30 4.45
N GLY B 302 8.34 -6.35 5.24
N GLY B 302 8.32 -6.28 5.21
CA GLY B 302 8.06 -4.95 5.01
CA GLY B 302 7.90 -4.92 4.92
C GLY B 302 8.90 -4.14 5.95
C GLY B 302 8.56 -3.69 5.57
N LYS B 303 8.22 -3.41 6.83
CA LYS B 303 8.74 -2.26 7.57
C LYS B 303 10.22 -1.86 7.38
N ALA B 304 11.17 -2.74 7.68
CA ALA B 304 12.58 -2.36 7.58
C ALA B 304 13.23 -2.71 6.24
N LEU B 305 12.43 -3.23 5.31
CA LEU B 305 12.95 -3.67 4.00
C LEU B 305 13.74 -2.55 3.29
N THR B 306 13.22 -1.34 3.32
CA THR B 306 13.90 -0.21 2.66
C THR B 306 14.80 0.59 3.60
N GLY B 307 15.09 0.04 4.78
CA GLY B 307 15.84 0.82 5.76
C GLY B 307 15.07 2.03 6.26
N GLY B 308 13.76 2.06 6.04
CA GLY B 308 12.96 3.16 6.54
C GLY B 308 12.84 4.42 5.68
N TYR B 309 13.20 4.31 4.41
CA TYR B 309 13.13 5.44 3.50
C TYR B 309 11.77 5.56 2.83
N LEU B 310 11.26 4.42 2.36
CA LEU B 310 10.09 4.40 1.48
C LEU B 310 9.22 3.18 1.76
N SER B 311 7.92 3.28 1.48
CA SER B 311 7.06 2.12 1.66
CA SER B 311 7.03 2.14 1.62
C SER B 311 7.36 1.05 0.59
N LEU B 312 7.55 -0.18 1.05
CA LEU B 312 7.74 -1.33 0.16
C LEU B 312 7.47 -2.55 1.00
N ALA B 313 6.92 -3.60 0.37
CA ALA B 313 6.74 -4.87 1.06
C ALA B 313 6.91 -5.99 0.06
N ALA B 314 7.05 -7.21 0.54
CA ALA B 314 7.11 -8.31 -0.40
C ALA B 314 6.47 -9.54 0.23
N THR B 315 5.93 -10.39 -0.63
CA THR B 315 5.35 -11.67 -0.23
C THR B 315 6.13 -12.74 -0.98
N LEU B 316 6.74 -13.66 -0.26
CA LEU B 316 7.48 -14.73 -0.90
C LEU B 316 6.71 -16.03 -0.75
N CYS B 317 6.86 -16.93 -1.72
CA CYS B 317 6.28 -18.26 -1.57
C CYS B 317 7.18 -19.32 -2.17
N THR B 318 6.87 -20.58 -1.84
CA THR B 318 7.63 -21.70 -2.37
C THR B 318 7.35 -21.95 -3.85
N ALA B 319 8.20 -22.77 -4.46
CA ALA B 319 8.02 -23.16 -5.84
C ALA B 319 6.71 -23.93 -6.00
N ASP B 320 6.42 -24.81 -5.04
CA ASP B 320 5.16 -25.54 -5.02
C ASP B 320 3.94 -24.62 -5.02
N VAL B 321 3.95 -23.62 -4.15
CA VAL B 321 2.83 -22.68 -4.09
C VAL B 321 2.70 -21.94 -5.43
N ALA B 322 3.82 -21.45 -5.97
CA ALA B 322 3.77 -20.67 -7.21
C ALA B 322 3.26 -21.48 -8.40
N HIS B 323 3.75 -22.70 -8.56
CA HIS B 323 3.32 -23.46 -9.72
CA HIS B 323 3.36 -23.60 -9.65
C HIS B 323 1.91 -24.02 -9.55
N THR B 324 1.49 -24.29 -8.31
CA THR B 324 0.14 -24.79 -8.10
C THR B 324 -0.86 -23.70 -8.47
N ILE B 325 -0.55 -22.46 -8.09
CA ILE B 325 -1.33 -21.32 -8.53
C ILE B 325 -1.29 -21.22 -10.07
N SER B 326 -0.10 -21.25 -10.65
CA SER B 326 0.06 -21.02 -12.09
C SER B 326 -0.54 -22.11 -12.97
N ALA B 327 -0.72 -23.29 -12.40
CA ALA B 327 -1.23 -24.43 -13.16
C ALA B 327 -2.75 -24.56 -13.00
N GLY B 328 -3.31 -23.81 -12.06
CA GLY B 328 -4.73 -23.90 -11.78
C GLY B 328 -5.56 -23.31 -12.92
N ALA B 329 -6.87 -23.55 -12.84
N ALA B 329 -6.86 -23.53 -12.88
CA ALA B 329 -7.83 -23.06 -13.84
CA ALA B 329 -7.74 -23.07 -13.96
C ALA B 329 -8.30 -21.66 -13.50
C ALA B 329 -7.69 -21.56 -14.10
N ALA B 330 -7.35 -20.87 -13.02
CA ALA B 330 -7.43 -19.43 -12.97
C ALA B 330 -6.20 -18.94 -13.70
N GLY B 331 -5.14 -19.72 -13.56
N GLY B 331 -5.12 -19.71 -13.57
CA GLY B 331 -3.81 -19.28 -13.94
CA GLY B 331 -3.93 -19.50 -14.37
C GLY B 331 -3.45 -18.13 -13.04
C GLY B 331 -3.07 -18.29 -14.08
N ALA B 332 -3.22 -16.98 -13.66
N ALA B 332 -3.53 -17.43 -13.16
CA ALA B 332 -2.69 -15.77 -13.04
CA ALA B 332 -2.75 -16.24 -12.81
C ALA B 332 -3.17 -15.45 -11.62
C ALA B 332 -3.17 -15.68 -11.47
N LEU B 333 -2.22 -15.11 -10.76
CA LEU B 333 -2.49 -14.45 -9.50
C LEU B 333 -2.95 -13.03 -9.82
N MET B 334 -4.23 -12.75 -9.59
CA MET B 334 -4.80 -11.48 -10.06
C MET B 334 -4.56 -10.36 -9.06
N HIS B 335 -3.32 -9.91 -9.00
CA HIS B 335 -2.92 -8.79 -8.17
C HIS B 335 -1.81 -8.05 -8.90
N GLY B 336 -1.76 -6.74 -8.74
CA GLY B 336 -0.80 -5.94 -9.49
C GLY B 336 -0.85 -4.46 -9.18
N PRO B 337 -0.25 -4.05 -8.05
CA PRO B 337 -0.26 -2.65 -7.63
C PRO B 337 0.39 -1.76 -8.68
N THR B 338 -0.16 -0.57 -8.85
CA THR B 338 0.37 0.39 -9.80
C THR B 338 1.88 0.59 -9.66
N PHE B 339 2.34 0.77 -8.43
CA PHE B 339 3.77 1.02 -8.18
C PHE B 339 4.56 -0.25 -7.84
N MET B 340 4.04 -1.40 -8.23
CA MET B 340 4.74 -2.67 -8.02
C MET B 340 6.21 -2.60 -8.43
N ALA B 341 7.09 -2.98 -7.50
CA ALA B 341 8.54 -3.12 -7.75
C ALA B 341 9.21 -1.80 -8.15
N ASN B 342 8.74 -0.70 -7.54
CA ASN B 342 9.24 0.64 -7.81
C ASN B 342 10.76 0.67 -7.76
N PRO B 343 11.42 1.08 -8.85
CA PRO B 343 12.88 1.14 -8.89
C PRO B 343 13.55 1.91 -7.73
N LEU B 344 13.01 3.06 -7.31
CA LEU B 344 13.63 3.80 -6.22
C LEU B 344 13.58 3.02 -4.90
N ALA B 345 12.41 2.48 -4.57
CA ALA B 345 12.26 1.72 -3.34
C ALA B 345 13.09 0.45 -3.38
N CYS B 346 13.12 -0.21 -4.54
CA CYS B 346 13.90 -1.45 -4.62
C CYS B 346 15.37 -1.16 -4.47
N ALA B 347 15.83 -0.05 -5.05
CA ALA B 347 17.24 0.27 -5.06
C ALA B 347 17.75 0.60 -3.65
N VAL B 348 16.95 1.30 -2.85
CA VAL B 348 17.41 1.63 -1.52
C VAL B 348 17.34 0.37 -0.66
N SER B 349 16.38 -0.51 -0.96
CA SER B 349 16.26 -1.78 -0.24
CA SER B 349 16.26 -1.76 -0.22
C SER B 349 17.48 -2.67 -0.46
N VAL B 350 17.93 -2.74 -1.71
CA VAL B 350 19.13 -3.49 -2.02
C VAL B 350 20.28 -2.97 -1.16
N ALA B 351 20.44 -1.64 -1.09
CA ALA B 351 21.54 -1.06 -0.32
C ALA B 351 21.39 -1.35 1.16
N SER B 352 20.16 -1.27 1.66
CA SER B 352 19.91 -1.54 3.07
C SER B 352 20.21 -3.00 3.43
N VAL B 353 19.77 -3.92 2.59
CA VAL B 353 20.01 -5.33 2.86
C VAL B 353 21.50 -5.64 2.78
N GLU B 354 22.18 -5.09 1.77
CA GLU B 354 23.61 -5.35 1.59
C GLU B 354 24.42 -4.75 2.75
N LEU B 355 23.98 -3.60 3.25
CA LEU B 355 24.63 -2.96 4.39
C LEU B 355 24.48 -3.83 5.64
N LEU B 356 23.31 -4.43 5.81
CA LEU B 356 23.08 -5.32 6.94
C LEU B 356 23.98 -6.55 6.84
N LEU B 357 24.01 -7.17 5.66
CA LEU B 357 24.74 -8.43 5.47
C LEU B 357 26.26 -8.24 5.50
N GLY B 358 26.71 -7.03 5.19
CA GLY B 358 28.13 -6.75 5.06
C GLY B 358 28.83 -6.39 6.36
N GLN B 359 28.09 -6.50 7.46
CA GLN B 359 28.64 -6.24 8.79
C GLN B 359 28.33 -7.44 9.67
N ASP B 360 28.90 -7.49 10.87
CA ASP B 360 28.60 -8.56 11.80
C ASP B 360 27.33 -8.19 12.56
N TRP B 361 26.20 -8.25 11.86
CA TRP B 361 24.92 -7.83 12.42
C TRP B 361 24.52 -8.67 13.64
N ARG B 362 24.91 -9.95 13.67
CA ARG B 362 24.51 -10.81 14.78
C ARG B 362 25.08 -10.31 16.10
N THR B 363 26.36 -9.94 16.09
CA THR B 363 27.02 -9.37 17.25
C THR B 363 26.45 -8.01 17.64
N ARG B 364 26.10 -7.21 16.64
CA ARG B 364 25.52 -5.91 16.90
C ARG B 364 24.22 -6.07 17.67
N ILE B 365 23.34 -6.95 17.19
CA ILE B 365 22.05 -7.16 17.86
C ILE B 365 22.23 -7.72 19.27
N THR B 366 23.15 -8.65 19.44
CA THR B 366 23.44 -9.22 20.76
C THR B 366 23.88 -8.14 21.75
N GLU B 367 24.72 -7.21 21.31
CA GLU B 367 25.14 -6.12 22.18
C GLU B 367 23.96 -5.21 22.52
N LEU B 368 23.14 -4.94 21.51
CA LEU B 368 21.95 -4.14 21.71
C LEU B 368 21.04 -4.78 22.74
N ALA B 369 20.81 -6.08 22.60
CA ALA B 369 19.99 -6.85 23.54
C ALA B 369 20.54 -6.78 24.97
N ALA B 370 21.86 -6.83 25.09
CA ALA B 370 22.52 -6.78 26.40
C ALA B 370 22.36 -5.41 27.03
N GLY B 371 22.45 -4.37 26.20
CA GLY B 371 22.25 -3.02 26.66
C GLY B 371 20.81 -2.76 27.11
N LEU B 372 19.84 -3.34 26.39
CA LEU B 372 18.45 -3.16 26.79
C LEU B 372 18.20 -3.85 28.11
N THR B 373 18.69 -5.07 28.22
CA THR B 373 18.55 -5.86 29.44
C THR B 373 19.14 -5.12 30.66
N ALA B 374 20.38 -4.67 30.55
CA ALA B 374 21.04 -3.96 31.65
C ALA B 374 20.30 -2.68 32.02
N GLY B 375 19.90 -1.92 31.00
CA GLY B 375 19.25 -0.64 31.25
C GLY B 375 17.85 -0.74 31.84
N LEU B 376 17.11 -1.76 31.44
CA LEU B 376 15.71 -1.86 31.87
C LEU B 376 15.52 -2.61 33.18
N ASP B 377 16.57 -3.27 33.67
CA ASP B 377 16.45 -4.11 34.86
C ASP B 377 15.89 -3.35 36.07
N THR B 378 16.23 -2.07 36.16
CA THR B 378 15.77 -1.21 37.24
C THR B 378 14.23 -1.14 37.30
N ALA B 379 13.59 -1.30 36.15
CA ALA B 379 12.15 -1.09 36.11
C ALA B 379 11.35 -2.23 36.76
N ARG B 380 11.97 -3.41 36.89
CA ARG B 380 11.27 -4.59 37.42
C ARG B 380 10.69 -4.37 38.81
N ALA B 381 11.36 -3.55 39.61
CA ALA B 381 11.00 -3.37 41.01
C ALA B 381 9.99 -2.26 41.19
N LEU B 382 9.65 -1.58 40.10
CA LEU B 382 8.70 -0.47 40.15
C LEU B 382 7.28 -1.00 40.41
N PRO B 383 6.47 -0.25 41.17
CA PRO B 383 5.12 -0.64 41.57
C PRO B 383 4.16 -0.94 40.40
N ALA B 384 4.22 -0.15 39.34
CA ALA B 384 3.24 -0.31 38.25
C ALA B 384 3.69 -1.33 37.21
N VAL B 385 4.88 -1.88 37.37
CA VAL B 385 5.46 -2.74 36.34
C VAL B 385 5.23 -4.22 36.62
N THR B 386 4.66 -4.92 35.65
CA THR B 386 4.32 -6.33 35.80
C THR B 386 5.30 -7.25 35.08
N ASP B 387 5.99 -6.73 34.06
CA ASP B 387 7.00 -7.52 33.39
C ASP B 387 8.01 -6.63 32.68
N VAL B 388 9.23 -7.14 32.55
CA VAL B 388 10.25 -6.53 31.71
C VAL B 388 10.83 -7.62 30.83
N ARG B 389 10.85 -7.40 29.51
CA ARG B 389 11.32 -8.43 28.60
C ARG B 389 12.08 -7.84 27.42
N VAL B 390 13.07 -8.59 26.95
CA VAL B 390 13.91 -8.19 25.83
C VAL B 390 14.09 -9.37 24.88
N CYS B 391 14.00 -9.09 23.58
CA CYS B 391 14.28 -10.10 22.55
C CYS B 391 15.00 -9.44 21.38
N GLY B 392 16.27 -9.75 21.20
CA GLY B 392 17.07 -9.05 20.21
C GLY B 392 17.05 -7.57 20.53
N ALA B 393 16.92 -6.74 19.50
CA ALA B 393 16.91 -5.30 19.68
C ALA B 393 15.49 -4.79 19.94
N ILE B 394 14.83 -5.45 20.88
CA ILE B 394 13.49 -5.07 21.31
C ILE B 394 13.42 -5.06 22.83
N GLY B 395 12.94 -3.98 23.43
CA GLY B 395 12.83 -3.93 24.87
C GLY B 395 11.45 -3.50 25.31
N VAL B 396 10.89 -4.20 26.30
CA VAL B 396 9.53 -3.92 26.72
C VAL B 396 9.37 -3.79 28.24
N ILE B 397 8.71 -2.72 28.66
CA ILE B 397 8.23 -2.64 30.03
C ILE B 397 6.72 -2.73 30.00
N GLU B 398 6.16 -3.80 30.55
CA GLU B 398 4.71 -3.91 30.63
C GLU B 398 4.20 -3.43 31.99
N CYS B 399 3.30 -2.45 31.98
CA CYS B 399 2.76 -1.89 33.21
C CYS B 399 1.40 -2.50 33.58
N ASP B 400 0.85 -2.10 34.73
CA ASP B 400 -0.44 -2.64 35.19
C ASP B 400 -1.63 -1.72 34.89
N ARG B 401 -1.40 -0.72 34.05
CA ARG B 401 -2.44 0.26 33.75
C ARG B 401 -2.02 1.01 32.49
N PRO B 402 -2.95 1.70 31.82
CA PRO B 402 -2.55 2.44 30.63
C PRO B 402 -1.47 3.48 30.93
N VAL B 403 -0.58 3.70 29.96
CA VAL B 403 0.42 4.75 30.05
C VAL B 403 -0.18 6.04 29.49
N ASP B 404 -0.15 7.10 30.30
CA ASP B 404 -0.73 8.38 29.89
C ASP B 404 0.24 9.14 28.98
N LEU B 405 -0.14 9.31 27.71
CA LEU B 405 0.75 9.99 26.76
C LEU B 405 1.05 11.44 27.15
N ALA B 406 0.06 12.13 27.72
CA ALA B 406 0.23 13.53 28.12
C ALA B 406 1.35 13.67 29.14
N VAL B 407 1.55 12.62 29.93
CA VAL B 407 2.60 12.61 30.95
C VAL B 407 3.90 12.01 30.41
N ALA B 408 3.79 10.83 29.81
CA ALA B 408 4.95 10.08 29.31
C ALA B 408 5.78 10.82 28.25
N THR B 409 5.12 11.54 27.35
CA THR B 409 5.83 12.08 26.21
C THR B 409 6.72 13.29 26.58
N PRO B 410 6.24 14.23 27.42
CA PRO B 410 7.22 15.26 27.78
C PRO B 410 8.31 14.72 28.70
N ALA B 411 7.98 13.69 29.48
CA ALA B 411 8.98 13.08 30.36
C ALA B 411 10.12 12.49 29.56
N ALA B 412 9.78 11.81 28.47
CA ALA B 412 10.81 11.20 27.65
C ALA B 412 11.58 12.27 26.89
N LEU B 413 10.87 13.27 26.37
CA LEU B 413 11.49 14.36 25.61
C LEU B 413 12.44 15.20 26.47
N ASP B 414 12.06 15.41 27.74
CA ASP B 414 12.95 16.03 28.73
C ASP B 414 14.28 15.28 28.81
N ARG B 415 14.24 13.97 28.57
CA ARG B 415 15.43 13.13 28.64
C ARG B 415 16.07 12.81 27.30
N GLY B 416 15.71 13.56 26.27
CA GLY B 416 16.35 13.43 24.96
C GLY B 416 15.93 12.19 24.19
N VAL B 417 14.72 11.69 24.45
CA VAL B 417 14.28 10.44 23.83
C VAL B 417 12.84 10.53 23.34
N TRP B 418 12.61 10.11 22.09
CA TRP B 418 11.25 9.97 21.58
C TRP B 418 10.76 8.55 21.83
N LEU B 419 9.69 8.43 22.61
CA LEU B 419 9.04 7.17 22.86
C LEU B 419 7.59 7.28 22.45
N ARG B 420 7.00 6.17 22.01
CA ARG B 420 5.57 6.17 21.68
C ARG B 420 4.93 4.99 22.39
N PRO B 421 4.57 5.18 23.66
CA PRO B 421 3.90 4.10 24.37
C PRO B 421 2.56 3.76 23.72
N PHE B 422 2.09 2.56 23.98
CA PHE B 422 0.80 2.04 23.48
CA PHE B 422 0.75 2.19 23.58
C PHE B 422 0.15 1.23 24.60
N ARG B 423 -1.10 1.52 24.94
CA ARG B 423 -1.78 0.82 26.03
CA ARG B 423 -1.79 0.81 26.02
C ARG B 423 -0.92 0.82 27.29
N ASN B 424 -0.61 -0.36 27.81
CA ASN B 424 0.17 -0.45 29.05
C ASN B 424 1.66 -0.73 28.84
N LEU B 425 2.15 -0.48 27.63
CA LEU B 425 3.49 -0.88 27.25
C LEU B 425 4.39 0.32 27.01
N VAL B 426 5.54 0.31 27.66
CA VAL B 426 6.61 1.26 27.34
C VAL B 426 7.65 0.40 26.66
N TYR B 427 7.90 0.64 25.38
CA TYR B 427 8.73 -0.29 24.60
C TYR B 427 9.60 0.45 23.59
N ALA B 428 10.62 -0.23 23.08
CA ALA B 428 11.57 0.36 22.14
C ALA B 428 12.14 -0.69 21.18
N MET B 429 12.51 -0.23 19.99
CA MET B 429 13.20 -1.05 19.02
C MET B 429 14.20 -0.12 18.31
N PRO B 430 15.34 0.13 18.99
CA PRO B 430 16.26 1.16 18.53
C PRO B 430 16.97 0.82 17.22
N PRO B 431 17.42 1.85 16.50
CA PRO B 431 18.28 1.67 15.35
C PRO B 431 19.48 0.82 15.72
N TYR B 432 19.93 -0.01 14.79
CA TYR B 432 21.02 -0.94 15.04
C TYR B 432 22.33 -0.18 15.26
N ILE B 433 22.35 1.09 14.83
CA ILE B 433 23.54 1.93 14.92
C ILE B 433 23.70 2.64 16.26
N CYS B 434 22.72 2.47 17.15
CA CYS B 434 22.80 3.08 18.48
C CYS B 434 24.02 2.60 19.27
N THR B 435 24.74 3.56 19.86
CA THR B 435 25.90 3.29 20.69
C THR B 435 25.48 2.79 22.07
N PRO B 436 26.40 2.17 22.83
CA PRO B 436 26.04 1.81 24.21
C PRO B 436 25.52 2.99 25.02
N ALA B 437 26.12 4.18 24.83
CA ALA B 437 25.68 5.36 25.55
C ALA B 437 24.24 5.73 25.17
N GLU B 438 23.90 5.57 23.90
CA GLU B 438 22.55 5.91 23.45
C GLU B 438 21.49 4.94 23.97
N ILE B 439 21.87 3.67 24.06
CA ILE B 439 20.95 2.67 24.60
C ILE B 439 20.73 2.96 26.09
N THR B 440 21.78 3.37 26.79
CA THR B 440 21.65 3.77 28.19
C THR B 440 20.68 4.94 28.35
N GLN B 441 20.74 5.91 27.43
CA GLN B 441 19.84 7.04 27.43
C GLN B 441 18.40 6.59 27.18
N ILE B 442 18.22 5.72 26.20
CA ILE B 442 16.88 5.22 25.86
C ILE B 442 16.25 4.44 27.03
N THR B 443 16.96 3.46 27.57
CA THR B 443 16.41 2.69 28.67
C THR B 443 16.11 3.54 29.89
N SER B 444 16.96 4.53 30.17
CA SER B 444 16.71 5.37 31.34
C SER B 444 15.46 6.22 31.17
N ALA B 445 15.15 6.61 29.93
CA ALA B 445 13.91 7.34 29.69
C ALA B 445 12.72 6.38 29.89
N MET B 446 12.89 5.13 29.46
CA MET B 446 11.82 4.14 29.60
C MET B 446 11.53 3.86 31.08
N VAL B 447 12.58 3.71 31.86
CA VAL B 447 12.42 3.44 33.29
C VAL B 447 11.69 4.59 33.96
N GLU B 448 12.06 5.82 33.61
CA GLU B 448 11.43 6.99 34.20
C GLU B 448 9.97 7.18 33.76
N VAL B 449 9.64 6.79 32.53
CA VAL B 449 8.25 6.81 32.12
C VAL B 449 7.48 5.80 32.96
N ALA B 450 8.09 4.63 33.15
CA ALA B 450 7.48 3.57 33.94
C ALA B 450 7.44 3.91 35.42
N ARG B 451 8.13 4.98 35.82
CA ARG B 451 8.15 5.39 37.22
C ARG B 451 7.01 6.37 37.45
N LEU B 452 6.76 7.20 36.45
CA LEU B 452 5.69 8.19 36.53
C LEU B 452 4.29 7.58 36.47
N VAL B 453 4.16 6.46 35.77
CA VAL B 453 2.86 5.78 35.62
C VAL B 453 2.32 5.32 36.98
N GLY B 454 3.20 4.78 37.82
CA GLY B 454 2.82 4.23 39.11
C GLY B 454 2.79 5.21 40.26
N SER B 455 2.43 6.46 39.98
CA SER B 455 2.26 7.46 41.03
C SER B 455 0.91 8.15 40.91
N1 PLP C . -8.96 2.57 -8.16
C2 PLP C . -8.79 3.02 -9.44
C2A PLP C . -9.91 3.73 -10.18
C3 PLP C . -7.49 2.81 -10.10
O3 PLP C . -7.27 3.22 -11.37
C4 PLP C . -6.42 2.12 -9.36
C4A PLP C . -5.11 1.95 -10.07
C5 PLP C . -6.72 1.68 -7.97
C6 PLP C . -7.99 1.93 -7.47
C5A PLP C . -5.71 0.91 -7.14
O4P PLP C . -4.45 1.52 -7.00
P PLP C . -3.17 0.62 -6.65
O1P PLP C . -2.94 -0.25 -7.85
O2P PLP C . -3.50 -0.13 -5.38
O3P PLP C . -2.10 1.67 -6.42
CAI 3VW D . -4.83 -1.69 -13.41
CAG 3VW D . -4.17 -2.89 -12.73
NAK 3VW D . -3.20 -2.46 -11.72
CAH 3VW D . -2.13 -1.64 -12.36
CAJ 3VW D . -2.75 -0.41 -13.03
CAN 3VW D . -3.76 -0.87 -14.09
CAL 3VW D . -4.40 0.34 -14.78
OAA 3VW D . -4.26 1.50 -14.36
CAM 3VW D . -5.10 0.12 -15.97
CAE 3VW D . -5.95 1.13 -16.42
CAC 3VW D . -6.71 0.95 -17.56
CAB 3VW D . -6.63 -0.27 -18.22
CAD 3VW D . -5.83 -1.31 -17.77
CAF 3VW D . -5.09 -1.12 -16.61
N1 EPE E . -0.76 -10.41 -19.15
C2 EPE E . -1.68 -10.83 -20.21
C3 EPE E . -1.39 -12.30 -20.51
N4 EPE E . -1.53 -13.09 -19.29
C5 EPE E . -1.79 -12.39 -18.06
C6 EPE E . -0.93 -11.14 -17.88
C7 EPE E . -0.90 -14.40 -19.23
C8 EPE E . 0.56 -14.32 -18.82
O8 EPE E . 0.70 -14.66 -17.45
C9 EPE E . -0.70 -8.95 -19.02
C10 EPE E . -0.95 -8.42 -17.60
S EPE E . -0.15 -6.81 -17.52
O1S EPE E . 1.30 -7.06 -17.56
O2S EPE E . -0.60 -6.04 -18.69
O3S EPE E . -0.57 -6.12 -16.31
S SO4 F . -22.39 19.96 -16.29
O1 SO4 F . -21.20 20.22 -17.10
O2 SO4 F . -22.60 18.52 -16.20
O3 SO4 F . -23.56 20.58 -16.92
O4 SO4 F . -22.19 20.55 -14.97
CAI 3VW G . 0.97 -0.57 14.41
CAG 3VW G . 0.00 0.39 13.77
NAK 3VW G . 0.48 0.83 12.44
CAH 3VW G . 1.78 1.52 12.60
CAJ 3VW G . 2.80 0.58 13.21
CAN 3VW G . 2.31 0.14 14.60
CAL 3VW G . 3.32 -0.83 15.25
OAA 3VW G . 4.24 -1.33 14.62
CAM 3VW G . 3.19 -1.06 16.62
CAE 3VW G . 2.32 -0.32 17.42
CAC 3VW G . 2.24 -0.55 18.78
CAB 3VW G . 3.05 -1.53 19.34
CAD 3VW G . 3.94 -2.25 18.57
CAF 3VW G . 4.02 -2.00 17.21
N1 PLP H . 1.88 -7.21 9.85
C2 PLP H . 2.72 -6.98 10.89
C2A PLP H . 3.24 -8.10 11.74
C3 PLP H . 3.18 -5.60 11.15
O3 PLP H . 4.02 -5.34 12.19
C4 PLP H . 2.68 -4.52 10.29
C4A PLP H . 3.17 -3.14 10.58
C5 PLP H . 1.74 -4.89 9.20
C6 PLP H . 1.39 -6.22 9.06
C5A PLP H . 1.13 -3.84 8.27
O4P PLP H . 2.03 -2.98 7.58
P PLP H . 1.52 -1.56 7.00
O1P PLP H . 2.74 -1.08 6.24
O2P PLP H . 0.31 -1.87 6.17
O3P PLP H . 1.19 -0.71 8.20
N1 EPE I . -3.73 7.54 20.15
C2 EPE I . -4.73 7.93 19.15
C3 EPE I . -6.09 8.16 19.80
N4 EPE I . -6.10 7.99 21.25
C5 EPE I . -4.96 8.40 22.04
C6 EPE I . -3.71 8.59 21.17
C7 EPE I . -7.33 7.65 21.94
C8 EPE I . -8.10 8.87 22.46
O8 EPE I . -9.22 8.43 23.21
C9 EPE I . -2.38 7.47 19.55
C10 EPE I . -2.32 6.50 18.37
S EPE I . -0.62 6.47 17.73
O1S EPE I . -0.33 7.81 17.27
O2S EPE I . -0.51 5.52 16.64
O3S EPE I . 0.30 6.10 18.82
C ACN J . 0.35 -28.48 1.79
O ACN J . -0.02 -29.63 1.97
C1 ACN J . 1.31 -28.10 0.68
C2 ACN J . -0.14 -27.37 2.67
#